data_4FA8
#
_entry.id   4FA8
#
_cell.length_a   199.554
_cell.length_b   162.701
_cell.length_c   57.337
_cell.angle_alpha   90.00
_cell.angle_beta   95.87
_cell.angle_gamma   90.00
#
_symmetry.space_group_name_H-M   'C 1 2 1'
#
loop_
_entity.id
_entity.type
_entity.pdbx_description
1 polymer 'Secreted protein BARF1'
2 polymer 'Macrophage colony-stimulating factor 1'
3 branched beta-D-mannopyranose-(1-4)-2-acetamido-2-deoxy-beta-D-glucopyranose-(1-4)-2-acetamido-2-deoxy-beta-D-glucopyranose
4 non-polymer 2-acetamido-2-deoxy-beta-D-glucopyranose
5 water water
#
loop_
_entity_poly.entity_id
_entity_poly.type
_entity_poly.pdbx_seq_one_letter_code
_entity_poly.pdbx_strand_id
1 'polypeptide(L)'
;QAVTAFLGERVTLTSYWRRVSLGPEIEVSWFKLGPGEEQVLIGRMHHDVIFIEWPFRGFFDIHRSANTFFLVVTAANISH
DGNYLCRMKLGETEVTKQEHLSVVKPLTLSVHSERSQFPDFSVLTVTCTVNAFPHPHVQWLMPEGVEPAPTAANGGVMKE
KDGSLSVAVDLSLPKPWHLPVTCVGKNDKEEAHGVYVSGYLSQ
;
A,B,D
2 'polypeptide(L)'
;DPSEYCSHMIGSGHLQSLQRLIDSQMETSCQITFEFVDQEQLKDPVCYLKKAFLLVQDIMEDTMRFRDNTPNAIAIVQLQ
ELSLRLKSCFTKDYEEHDKACVRTFYETPLQLLEKVKNVFNETKNLLDKDWNIFSKNCNNSFAECSS
;
E,F,G
#
# COMPACT_ATOMS: atom_id res chain seq x y z
N ALA A 2 22.25 8.96 -37.50
CA ALA A 2 20.84 8.58 -37.79
C ALA A 2 20.74 7.13 -38.33
N VAL A 3 19.53 6.66 -38.63
CA VAL A 3 18.32 7.44 -38.49
C VAL A 3 17.68 7.09 -37.15
N THR A 4 16.82 7.97 -36.67
CA THR A 4 16.06 7.74 -35.45
C THR A 4 14.57 7.82 -35.74
N ALA A 5 13.83 6.82 -35.26
CA ALA A 5 12.38 6.84 -35.34
C ALA A 5 11.87 6.68 -33.93
N PHE A 6 10.76 7.33 -33.63
CA PHE A 6 10.07 7.01 -32.39
C PHE A 6 9.12 5.84 -32.57
N LEU A 7 8.88 5.11 -31.48
CA LEU A 7 7.96 4.00 -31.46
C LEU A 7 6.64 4.43 -32.18
N GLY A 8 6.18 3.61 -33.14
CA GLY A 8 4.97 3.86 -33.91
C GLY A 8 5.12 4.66 -35.19
N GLU A 9 6.29 5.22 -35.45
CA GLU A 9 6.47 6.08 -36.61
C GLU A 9 6.86 5.31 -37.84
N ARG A 10 6.47 5.86 -39.00
CA ARG A 10 6.96 5.41 -40.30
C ARG A 10 8.38 5.92 -40.52
N VAL A 11 9.28 5.05 -40.98
CA VAL A 11 10.67 5.47 -41.23
C VAL A 11 11.27 4.70 -42.40
N THR A 12 12.17 5.33 -43.14
CA THR A 12 12.78 4.68 -44.28
C THR A 12 14.32 4.62 -44.14
N LEU A 13 14.89 3.51 -44.60
CA LEU A 13 16.34 3.44 -44.73
C LEU A 13 16.59 3.43 -46.22
N THR A 14 17.66 4.08 -46.66
CA THR A 14 17.90 4.17 -48.10
C THR A 14 19.22 3.54 -48.47
N SER A 15 19.32 3.14 -49.73
CA SER A 15 20.56 2.70 -50.32
C SER A 15 20.49 3.18 -51.77
N TYR A 16 21.58 3.04 -52.51
CA TYR A 16 21.59 3.52 -53.88
C TYR A 16 22.66 2.88 -54.73
N TRP A 17 22.41 2.89 -56.04
CA TRP A 17 23.36 2.47 -57.02
C TRP A 17 24.12 3.66 -57.57
N ARG A 18 25.45 3.56 -57.55
CA ARG A 18 26.35 4.65 -57.87
C ARG A 18 26.18 5.18 -59.29
N ARG A 19 26.13 4.26 -60.27
CA ARG A 19 25.80 4.61 -61.66
C ARG A 19 24.34 5.05 -61.72
N VAL A 20 24.16 6.35 -61.87
CA VAL A 20 22.87 7.02 -61.82
C VAL A 20 21.96 6.57 -62.99
N SER A 21 22.62 6.04 -64.00
CA SER A 21 22.00 5.51 -65.21
C SER A 21 21.16 4.25 -64.95
N LEU A 22 21.36 3.62 -63.80
CA LEU A 22 20.72 2.34 -63.52
C LEU A 22 19.71 2.41 -62.36
N GLY A 23 18.93 1.36 -62.18
CA GLY A 23 17.94 1.28 -61.09
C GLY A 23 17.21 -0.05 -61.03
N PRO A 24 16.27 -0.27 -61.98
CA PRO A 24 15.51 -1.53 -61.94
C PRO A 24 16.37 -2.81 -62.12
N GLU A 25 17.54 -2.67 -62.71
CA GLU A 25 18.35 -3.82 -63.10
C GLU A 25 19.14 -4.40 -61.92
N ILE A 26 19.33 -3.58 -60.89
CA ILE A 26 19.98 -4.00 -59.67
C ILE A 26 19.08 -4.98 -58.90
N GLU A 27 19.62 -6.14 -58.54
CA GLU A 27 18.95 -7.02 -57.57
C GLU A 27 19.23 -6.45 -56.19
N VAL A 28 18.18 -6.01 -55.51
CA VAL A 28 18.27 -5.42 -54.20
C VAL A 28 17.65 -6.36 -53.18
N SER A 29 18.42 -6.69 -52.15
CA SER A 29 17.88 -7.43 -51.01
C SER A 29 18.23 -6.74 -49.69
N TRP A 30 17.24 -6.68 -48.79
CA TRP A 30 17.43 -6.11 -47.46
C TRP A 30 17.52 -7.15 -46.39
N PHE A 31 18.41 -6.92 -45.43
CA PHE A 31 18.54 -7.85 -44.34
C PHE A 31 18.47 -7.11 -43.03
N LYS A 32 17.81 -7.72 -42.05
CA LYS A 32 17.88 -7.21 -40.68
C LYS A 32 19.01 -8.01 -40.01
N LEU A 33 20.04 -7.36 -39.46
CA LEU A 33 21.21 -8.14 -38.90
C LEU A 33 21.00 -8.51 -37.44
N GLY A 34 20.77 -9.79 -37.20
CA GLY A 34 20.59 -10.32 -35.86
C GLY A 34 21.92 -10.47 -35.14
N PRO A 35 21.88 -10.91 -33.86
CA PRO A 35 23.10 -11.00 -33.06
C PRO A 35 23.68 -12.40 -33.14
N GLY A 36 24.77 -12.58 -33.89
CA GLY A 36 25.47 -11.56 -34.63
C GLY A 36 26.29 -12.36 -35.63
N GLU A 37 26.81 -11.70 -36.66
CA GLU A 37 27.28 -12.40 -37.88
C GLU A 37 26.11 -13.17 -38.56
N GLU A 38 24.89 -12.63 -38.44
CA GLU A 38 23.66 -13.35 -38.76
C GLU A 38 22.68 -12.37 -39.43
N GLN A 39 22.28 -12.68 -40.67
CA GLN A 39 21.51 -11.80 -41.54
C GLN A 39 20.17 -12.44 -41.87
N VAL A 40 19.08 -11.71 -41.66
CA VAL A 40 17.76 -12.28 -41.91
C VAL A 40 17.09 -11.54 -43.07
N LEU A 41 16.74 -12.28 -44.11
CA LEU A 41 16.13 -11.68 -45.29
C LEU A 41 14.78 -11.02 -44.96
N ILE A 42 14.65 -9.74 -45.26
CA ILE A 42 13.40 -8.99 -45.14
C ILE A 42 12.64 -9.03 -46.48
N GLY A 43 13.30 -8.62 -47.55
CA GLY A 43 12.67 -8.57 -48.86
C GLY A 43 13.63 -8.39 -50.00
N ARG A 44 13.15 -8.63 -51.22
CA ARG A 44 13.93 -8.49 -52.44
C ARG A 44 13.19 -7.68 -53.49
N MET A 45 13.97 -7.02 -54.33
CA MET A 45 13.46 -6.22 -55.40
C MET A 45 14.35 -6.36 -56.60
N HIS A 46 13.77 -6.72 -57.73
CA HIS A 46 14.48 -6.82 -58.99
C HIS A 46 13.52 -6.54 -60.11
N HIS A 47 13.89 -5.64 -61.01
CA HIS A 47 13.00 -5.21 -62.11
C HIS A 47 11.60 -4.84 -61.68
N ASP A 48 11.49 -4.16 -60.54
CA ASP A 48 10.21 -3.64 -60.05
C ASP A 48 9.24 -4.71 -59.58
N VAL A 49 9.76 -5.91 -59.39
CA VAL A 49 9.03 -6.91 -58.65
C VAL A 49 9.57 -6.88 -57.23
N ILE A 50 8.67 -6.73 -56.27
CA ILE A 50 9.04 -6.66 -54.86
C ILE A 50 8.40 -7.81 -54.10
N PHE A 51 9.23 -8.57 -53.39
CA PHE A 51 8.73 -9.63 -52.52
C PHE A 51 9.26 -9.52 -51.09
N ILE A 52 8.34 -9.42 -50.14
CA ILE A 52 8.65 -9.33 -48.73
C ILE A 52 8.40 -10.67 -48.07
N GLU A 53 9.42 -11.19 -47.39
CA GLU A 53 9.31 -12.46 -46.67
C GLU A 53 8.15 -12.41 -45.69
N TRP A 54 7.38 -13.50 -45.59
CA TRP A 54 6.17 -13.51 -44.76
C TRP A 54 6.33 -13.03 -43.34
N PRO A 55 7.44 -13.37 -42.64
CA PRO A 55 7.54 -12.85 -41.28
C PRO A 55 7.66 -11.33 -41.14
N PHE A 56 8.01 -10.64 -42.22
CA PHE A 56 8.18 -9.18 -42.18
C PHE A 56 7.05 -8.46 -42.91
N ARG A 57 6.12 -9.24 -43.44
CA ARG A 57 5.06 -8.72 -44.29
C ARG A 57 4.14 -7.77 -43.53
N GLY A 58 4.08 -6.53 -43.97
CA GLY A 58 3.24 -5.52 -43.32
C GLY A 58 4.04 -4.68 -42.35
N PHE A 59 5.22 -5.15 -41.95
CA PHE A 59 6.09 -4.38 -41.06
C PHE A 59 7.14 -3.65 -41.86
N PHE A 60 7.50 -4.21 -43.00
CA PHE A 60 8.49 -3.59 -43.87
C PHE A 60 8.00 -3.61 -45.31
N ASP A 61 8.38 -2.61 -46.06
CA ASP A 61 8.22 -2.70 -47.48
C ASP A 61 9.42 -2.14 -48.20
N ILE A 62 9.49 -2.40 -49.50
CA ILE A 62 10.55 -1.87 -50.32
C ILE A 62 10.01 -1.19 -51.57
N HIS A 63 10.60 -0.06 -51.96
CA HIS A 63 10.36 0.51 -53.28
C HIS A 63 11.59 1.19 -53.84
N ARG A 64 11.54 1.49 -55.14
CA ARG A 64 12.66 2.13 -55.81
C ARG A 64 12.21 3.45 -56.41
N SER A 65 13.08 4.46 -56.35
CA SER A 65 12.93 5.63 -57.20
C SER A 65 14.29 5.94 -57.83
N ALA A 66 14.33 5.87 -59.16
CA ALA A 66 15.53 6.02 -59.97
C ALA A 66 16.64 5.03 -59.51
N ASN A 67 17.81 5.53 -59.12
CA ASN A 67 18.90 4.67 -58.63
C ASN A 67 18.82 4.44 -57.13
N THR A 68 17.68 4.78 -56.53
CA THR A 68 17.57 4.80 -55.08
C THR A 68 16.58 3.75 -54.59
N PHE A 69 16.99 3.03 -53.53
CA PHE A 69 16.19 1.93 -52.98
C PHE A 69 15.81 2.21 -51.55
N PHE A 70 14.53 1.98 -51.21
CA PHE A 70 14.00 2.34 -49.90
C PHE A 70 13.54 1.13 -49.12
N LEU A 71 13.92 1.05 -47.85
CA LEU A 71 13.36 0.09 -46.95
C LEU A 71 12.45 0.88 -46.02
N VAL A 72 11.14 0.67 -46.16
CA VAL A 72 10.17 1.41 -45.38
C VAL A 72 9.72 0.57 -44.18
N VAL A 73 9.79 1.14 -42.98
CA VAL A 73 9.17 0.46 -41.87
C VAL A 73 7.87 1.22 -41.54
N THR A 74 6.76 0.49 -41.59
CA THR A 74 5.44 1.12 -41.59
C THR A 74 5.05 1.71 -40.23
N ALA A 75 5.52 1.08 -39.15
CA ALA A 75 5.26 1.52 -37.78
C ALA A 75 6.36 0.98 -36.88
N ALA A 76 7.37 1.79 -36.63
CA ALA A 76 8.55 1.31 -35.92
C ALA A 76 8.23 0.73 -34.56
N ASN A 77 8.78 -0.51 -34.32
CA ASN A 77 8.69 -1.04 -32.96
C ASN A 77 10.08 -1.33 -32.44
N ILE A 78 10.20 -1.79 -31.10
CA ILE A 78 11.51 -1.86 -30.46
C ILE A 78 12.43 -2.89 -31.12
N SER A 79 11.90 -4.04 -31.50
CA SER A 79 12.63 -5.07 -32.24
C SER A 79 13.36 -4.60 -33.52
N HIS A 80 12.86 -3.53 -34.13
CA HIS A 80 13.40 -3.00 -35.39
C HIS A 80 14.65 -2.20 -35.18
N ASP A 81 14.98 -1.92 -33.92
CA ASP A 81 16.10 -1.11 -33.59
C ASP A 81 17.36 -1.99 -33.85
N GLY A 82 18.32 -1.47 -34.61
CA GLY A 82 19.58 -2.17 -34.87
C GLY A 82 20.04 -1.94 -36.29
N ASN A 83 20.89 -2.85 -36.77
CA ASN A 83 21.54 -2.72 -38.08
C ASN A 83 20.83 -3.37 -39.23
N TYR A 84 20.98 -2.80 -40.41
CA TYR A 84 20.38 -3.35 -41.62
C TYR A 84 21.41 -3.43 -42.70
N LEU A 85 21.25 -4.39 -43.58
CA LEU A 85 22.17 -4.55 -44.69
C LEU A 85 21.40 -4.58 -46.00
N CYS A 86 21.84 -3.77 -46.95
CA CYS A 86 21.25 -3.80 -48.26
C CYS A 86 22.28 -4.30 -49.24
N ARG A 87 22.06 -5.48 -49.80
CA ARG A 87 22.92 -6.00 -50.85
C ARG A 87 22.35 -5.68 -52.22
N MET A 88 23.19 -5.05 -53.04
CA MET A 88 22.88 -4.62 -54.38
C MET A 88 23.78 -5.36 -55.36
N LYS A 89 23.17 -6.04 -56.31
CA LYS A 89 23.88 -6.94 -57.20
C LYS A 89 23.54 -6.63 -58.64
N LEU A 90 24.55 -6.27 -59.41
CA LEU A 90 24.44 -6.08 -60.85
C LEU A 90 25.37 -7.04 -61.57
N GLY A 91 24.78 -8.02 -62.24
CA GLY A 91 25.53 -9.05 -62.89
C GLY A 91 26.37 -9.74 -61.83
N GLU A 92 27.68 -9.71 -62.01
CA GLU A 92 28.59 -10.41 -61.11
C GLU A 92 29.09 -9.52 -60.00
N THR A 93 28.78 -8.24 -60.07
CA THR A 93 29.31 -7.29 -59.11
C THR A 93 28.32 -6.86 -58.03
N GLU A 94 28.83 -6.88 -56.79
CA GLU A 94 28.02 -6.59 -55.62
C GLU A 94 28.59 -5.45 -54.79
N VAL A 95 27.71 -4.58 -54.32
CA VAL A 95 28.06 -3.57 -53.33
C VAL A 95 27.05 -3.68 -52.19
N THR A 96 27.51 -3.57 -50.96
CA THR A 96 26.65 -3.69 -49.78
C THR A 96 26.66 -2.40 -48.98
N LYS A 97 25.49 -1.96 -48.51
CA LYS A 97 25.40 -0.82 -47.60
C LYS A 97 24.81 -1.28 -46.28
N GLN A 98 25.45 -0.87 -45.19
CA GLN A 98 24.93 -1.15 -43.86
C GLN A 98 24.36 0.14 -43.31
N GLU A 99 23.20 0.03 -42.64
CA GLU A 99 22.53 1.17 -42.03
C GLU A 99 22.12 0.81 -40.62
N HIS A 100 22.18 1.77 -39.71
CA HIS A 100 21.68 1.58 -38.36
C HIS A 100 20.38 2.33 -38.16
N LEU A 101 19.41 1.71 -37.51
CA LEU A 101 18.15 2.38 -37.17
C LEU A 101 17.96 2.41 -35.67
N SER A 102 17.80 3.60 -35.11
CA SER A 102 17.51 3.77 -33.69
C SER A 102 16.03 3.96 -33.46
N VAL A 103 15.43 3.05 -32.68
CA VAL A 103 14.03 3.19 -32.26
C VAL A 103 14.01 3.63 -30.80
N VAL A 104 13.26 4.70 -30.54
CA VAL A 104 13.13 5.33 -29.23
C VAL A 104 11.66 5.32 -28.82
N LYS A 105 11.42 4.93 -27.58
CA LYS A 105 10.12 5.12 -26.95
C LYS A 105 10.29 6.27 -25.98
N PRO A 106 9.47 7.34 -26.13
CA PRO A 106 9.56 8.45 -25.19
C PRO A 106 9.20 7.99 -23.79
N LEU A 107 9.84 8.58 -22.79
CA LEU A 107 9.67 8.11 -21.42
C LEU A 107 8.35 8.50 -20.82
N THR A 108 7.86 7.64 -19.93
CA THR A 108 6.76 7.94 -19.04
C THR A 108 7.32 7.92 -17.64
N LEU A 109 7.21 9.05 -16.94
CA LEU A 109 7.56 9.16 -15.53
C LEU A 109 6.29 9.16 -14.67
N SER A 110 6.29 8.37 -13.61
CA SER A 110 5.22 8.37 -12.62
C SER A 110 5.75 8.57 -11.23
N VAL A 111 5.02 9.38 -10.47
CA VAL A 111 5.20 9.52 -9.03
C VAL A 111 3.93 9.19 -8.28
N HIS A 112 4.10 8.40 -7.22
CA HIS A 112 3.06 8.22 -6.20
C HIS A 112 3.68 7.96 -4.86
N SER A 113 2.86 8.10 -3.82
CA SER A 113 3.33 7.96 -2.45
C SER A 113 2.45 6.98 -1.71
N GLU A 114 2.98 6.48 -0.60
CA GLU A 114 2.25 5.58 0.26
C GLU A 114 2.82 5.72 1.66
N ARG A 115 1.94 5.85 2.66
CA ARG A 115 2.42 5.94 4.04
C ARG A 115 2.54 4.57 4.70
N SER A 116 3.34 4.50 5.76
CA SER A 116 3.54 3.25 6.47
C SER A 116 2.29 2.83 7.25
N GLN A 117 2.16 1.53 7.48
CA GLN A 117 1.06 0.98 8.25
C GLN A 117 1.55 0.34 9.55
N PHE A 118 2.88 0.23 9.71
CA PHE A 118 3.50 -0.29 10.93
C PHE A 118 4.97 0.14 11.00
N PRO A 119 5.48 0.46 12.21
CA PRO A 119 4.76 0.52 13.50
C PRO A 119 3.78 1.70 13.62
N ASP A 120 3.91 2.68 12.74
CA ASP A 120 2.93 3.77 12.70
C ASP A 120 2.73 4.27 11.28
N PHE A 121 2.08 5.40 11.16
CA PHE A 121 1.72 5.96 9.87
C PHE A 121 2.62 7.14 9.51
N SER A 122 3.75 7.28 10.21
CA SER A 122 4.61 8.45 10.07
C SER A 122 5.56 8.45 8.88
N VAL A 123 5.82 7.28 8.28
CA VAL A 123 6.83 7.20 7.22
C VAL A 123 6.23 7.21 5.82
N LEU A 124 6.60 8.22 5.03
CA LEU A 124 6.08 8.37 3.69
C LEU A 124 7.07 7.81 2.68
N THR A 125 6.64 6.81 1.92
CA THR A 125 7.43 6.28 0.85
C THR A 125 6.96 6.81 -0.49
N VAL A 126 7.84 7.51 -1.17
CA VAL A 126 7.55 8.02 -2.51
C VAL A 126 8.27 7.17 -3.54
N THR A 127 7.51 6.76 -4.55
CA THR A 127 7.97 5.89 -5.61
C THR A 127 7.94 6.63 -6.94
N CYS A 128 9.07 6.53 -7.64
CA CYS A 128 9.25 7.14 -8.96
C CYS A 128 9.59 6.04 -9.96
N THR A 129 8.78 5.97 -11.01
CA THR A 129 8.90 4.95 -12.05
C THR A 129 9.18 5.62 -13.39
N VAL A 130 10.14 5.07 -14.13
CA VAL A 130 10.41 5.50 -15.50
C VAL A 130 10.37 4.32 -16.48
N ASN A 131 9.49 4.42 -17.46
CA ASN A 131 9.45 3.51 -18.61
C ASN A 131 10.05 4.19 -19.84
N ALA A 132 10.94 3.48 -20.55
CA ALA A 132 11.56 4.02 -21.77
C ALA A 132 12.32 2.96 -22.55
N PHE A 133 12.76 3.36 -23.74
CA PHE A 133 13.75 2.61 -24.51
C PHE A 133 14.58 3.63 -25.27
N PRO A 134 15.93 3.44 -25.32
CA PRO A 134 16.73 2.33 -24.80
C PRO A 134 17.10 2.42 -23.33
N HIS A 135 17.26 3.63 -22.81
CA HIS A 135 17.90 3.81 -21.52
C HIS A 135 17.13 4.53 -20.43
N PRO A 136 16.06 3.91 -19.88
CA PRO A 136 15.39 4.55 -18.74
C PRO A 136 16.32 4.72 -17.53
N HIS A 137 16.24 5.87 -16.86
CA HIS A 137 17.05 6.14 -15.66
C HIS A 137 16.27 6.96 -14.66
N VAL A 138 16.18 6.46 -13.42
CA VAL A 138 15.56 7.20 -12.30
C VAL A 138 16.51 7.53 -11.18
N GLN A 139 16.25 8.65 -10.51
CA GLN A 139 16.87 8.96 -9.24
C GLN A 139 16.12 10.03 -8.47
N TRP A 140 16.02 9.84 -7.16
CA TRP A 140 15.60 10.89 -6.25
C TRP A 140 16.74 11.81 -5.95
N LEU A 141 16.48 13.11 -6.02
CA LEU A 141 17.44 14.12 -5.56
C LEU A 141 17.38 14.21 -4.03
N MET A 142 18.53 14.06 -3.39
CA MET A 142 18.62 13.96 -1.92
C MET A 142 18.99 15.28 -1.26
N PRO A 143 18.48 15.52 -0.03
CA PRO A 143 18.96 16.58 0.88
C PRO A 143 20.48 16.60 1.03
N GLY A 156 15.90 -4.25 -10.10
CA GLY A 156 16.54 -3.61 -11.24
C GLY A 156 15.60 -3.34 -12.40
N VAL A 157 16.14 -3.40 -13.61
CA VAL A 157 15.40 -3.15 -14.84
C VAL A 157 14.35 -4.24 -15.13
N MET A 158 13.14 -3.83 -15.54
CA MET A 158 12.14 -4.79 -15.99
C MET A 158 11.80 -4.63 -17.48
N LYS A 159 11.71 -5.77 -18.18
CA LYS A 159 11.43 -5.78 -19.61
C LYS A 159 9.93 -5.92 -19.81
N GLU A 160 9.33 -4.99 -20.56
CA GLU A 160 7.89 -5.04 -20.81
C GLU A 160 7.60 -5.84 -22.07
N LYS A 161 6.33 -6.24 -22.25
CA LYS A 161 5.91 -6.97 -23.45
C LYS A 161 6.28 -6.26 -24.75
N ASP A 162 6.37 -4.94 -24.73
CA ASP A 162 6.64 -4.19 -25.95
C ASP A 162 8.12 -4.00 -26.19
N GLY A 163 8.97 -4.60 -25.36
CA GLY A 163 10.41 -4.50 -25.51
C GLY A 163 11.05 -3.34 -24.77
N SER A 164 10.26 -2.55 -24.07
CA SER A 164 10.78 -1.37 -23.40
C SER A 164 11.18 -1.73 -21.98
N LEU A 165 11.85 -0.80 -21.31
CA LEU A 165 12.37 -1.05 -19.98
C LEU A 165 11.79 -0.10 -18.93
N SER A 166 11.47 -0.67 -17.76
CA SER A 166 10.97 0.08 -16.62
C SER A 166 11.90 -0.04 -15.43
N VAL A 167 12.16 1.09 -14.79
CA VAL A 167 12.98 1.10 -13.59
C VAL A 167 12.30 1.98 -12.51
N ALA A 168 12.46 1.60 -11.25
CA ALA A 168 11.78 2.27 -10.15
C ALA A 168 12.66 2.49 -8.93
N VAL A 169 12.50 3.65 -8.28
CA VAL A 169 13.19 3.92 -7.02
C VAL A 169 12.24 4.44 -5.94
N ASP A 170 12.54 4.05 -4.71
CA ASP A 170 11.78 4.40 -3.53
C ASP A 170 12.56 5.34 -2.64
N LEU A 171 11.86 6.32 -2.09
CA LEU A 171 12.44 7.21 -1.10
C LEU A 171 11.52 7.24 0.12
N SER A 172 12.07 6.97 1.29
CA SER A 172 11.32 6.93 2.54
C SER A 172 11.59 8.16 3.37
N LEU A 173 10.52 8.87 3.72
CA LEU A 173 10.64 10.09 4.53
C LEU A 173 10.03 9.89 5.91
N PRO A 174 10.81 10.12 6.97
CA PRO A 174 10.25 10.11 8.33
C PRO A 174 9.68 11.48 8.69
N LYS A 175 8.87 11.53 9.75
CA LYS A 175 8.34 12.80 10.25
C LYS A 175 9.45 13.68 10.84
N PRO A 176 9.48 14.98 10.49
CA PRO A 176 8.56 15.65 9.57
C PRO A 176 9.03 15.49 8.13
N TRP A 177 8.11 15.23 7.21
CA TRP A 177 8.46 14.99 5.82
C TRP A 177 8.99 16.26 5.22
N HIS A 178 10.16 16.20 4.59
CA HIS A 178 10.74 17.39 3.98
C HIS A 178 10.35 17.53 2.54
N LEU A 179 9.13 18.02 2.35
CA LEU A 179 8.54 18.16 1.04
C LEU A 179 8.75 19.58 0.55
N PRO A 180 8.78 19.78 -0.78
CA PRO A 180 8.66 18.81 -1.86
C PRO A 180 9.95 18.01 -2.10
N VAL A 181 9.82 16.83 -2.73
CA VAL A 181 10.96 16.04 -3.17
C VAL A 181 10.86 15.77 -4.67
N THR A 182 12.02 15.80 -5.35
CA THR A 182 12.10 15.67 -6.80
C THR A 182 12.83 14.40 -7.27
N CYS A 183 12.21 13.66 -8.18
CA CYS A 183 12.94 12.62 -8.92
C CYS A 183 13.12 13.03 -10.37
N VAL A 184 14.31 12.74 -10.88
CA VAL A 184 14.64 13.04 -12.25
C VAL A 184 14.56 11.73 -13.01
N GLY A 185 13.88 11.77 -14.15
CA GLY A 185 13.80 10.63 -15.05
C GLY A 185 14.48 10.99 -16.34
N LYS A 186 15.18 10.03 -16.91
CA LYS A 186 15.95 10.29 -18.12
C LYS A 186 15.81 9.14 -19.08
N ASN A 187 15.95 9.44 -20.37
CA ASN A 187 16.08 8.41 -21.37
C ASN A 187 17.51 8.55 -21.86
N ASP A 188 17.77 9.42 -22.81
CA ASP A 188 19.20 9.75 -22.98
C ASP A 188 19.32 11.22 -22.64
N LYS A 189 19.17 12.07 -23.65
CA LYS A 189 19.00 13.50 -23.43
C LYS A 189 17.60 13.81 -22.90
N GLU A 190 16.67 12.88 -23.07
CA GLU A 190 15.28 13.09 -22.61
C GLU A 190 15.23 13.17 -21.09
N GLU A 191 14.51 14.18 -20.59
CA GLU A 191 14.44 14.43 -19.15
C GLU A 191 13.07 14.93 -18.70
N ALA A 192 12.52 14.31 -17.66
CA ALA A 192 11.32 14.79 -17.01
C ALA A 192 11.48 14.69 -15.49
N HIS A 193 10.74 15.51 -14.75
CA HIS A 193 10.75 15.43 -13.29
C HIS A 193 9.41 15.05 -12.74
N GLY A 194 9.43 14.37 -11.59
CA GLY A 194 8.24 14.13 -10.80
C GLY A 194 8.51 14.72 -9.45
N VAL A 195 7.58 15.52 -8.95
CA VAL A 195 7.78 16.23 -7.69
C VAL A 195 6.59 15.99 -6.80
N TYR A 196 6.85 15.47 -5.61
CA TYR A 196 5.80 15.25 -4.63
C TYR A 196 5.80 16.41 -3.65
N VAL A 197 4.70 17.16 -3.65
CA VAL A 197 4.64 18.47 -3.02
C VAL A 197 3.97 18.45 -1.65
N SER A 198 2.83 17.76 -1.52
CA SER A 198 2.22 17.54 -0.20
C SER A 198 1.36 16.30 -0.16
N GLY A 199 1.33 15.67 1.02
CA GLY A 199 0.44 14.56 1.30
C GLY A 199 -1.01 15.03 1.40
N TYR A 200 -1.92 14.06 1.47
CA TYR A 200 -3.36 14.34 1.53
C TYR A 200 -3.77 14.84 2.92
N LEU A 201 -3.12 14.29 3.94
CA LEU A 201 -3.49 14.44 5.37
C LEU A 201 -4.76 13.67 5.71
N ALA B 2 -12.76 13.22 12.44
CA ALA B 2 -13.16 12.76 11.07
C ALA B 2 -12.20 11.67 10.61
N VAL B 3 -12.71 10.46 10.37
CA VAL B 3 -11.80 9.34 10.06
C VAL B 3 -11.59 9.02 8.58
N THR B 4 -10.29 8.98 8.22
CA THR B 4 -9.81 8.81 6.88
C THR B 4 -8.85 7.62 6.88
N ALA B 5 -8.95 6.79 5.86
CA ALA B 5 -8.11 5.63 5.70
C ALA B 5 -7.56 5.67 4.29
N PHE B 6 -6.36 5.16 4.08
CA PHE B 6 -5.90 5.04 2.70
C PHE B 6 -6.21 3.67 2.18
N LEU B 7 -6.34 3.56 0.86
CA LEU B 7 -6.64 2.31 0.20
C LEU B 7 -5.65 1.22 0.69
N GLY B 8 -6.20 0.11 1.20
CA GLY B 8 -5.42 -1.02 1.69
C GLY B 8 -5.14 -1.03 3.18
N GLU B 9 -5.52 0.05 3.88
CA GLU B 9 -5.29 0.16 5.31
C GLU B 9 -6.39 -0.46 6.15
N ARG B 10 -6.00 -0.99 7.30
CA ARG B 10 -6.93 -1.31 8.37
C ARG B 10 -7.45 -0.02 8.98
N VAL B 11 -8.73 0.03 9.29
CA VAL B 11 -9.29 1.22 9.90
C VAL B 11 -10.46 0.84 10.78
N THR B 12 -10.69 1.67 11.79
CA THR B 12 -11.61 1.35 12.84
C THR B 12 -12.68 2.44 12.96
N LEU B 13 -13.92 2.05 13.13
CA LEU B 13 -14.97 3.03 13.45
C LEU B 13 -15.55 2.64 14.80
N THR B 14 -15.90 3.61 15.63
CA THR B 14 -16.46 3.29 16.95
C THR B 14 -17.83 3.88 17.21
N SER B 15 -18.58 3.18 18.04
CA SER B 15 -19.72 3.71 18.73
C SER B 15 -19.62 3.28 20.20
N TYR B 16 -20.53 3.75 21.03
CA TYR B 16 -20.45 3.48 22.46
C TYR B 16 -21.78 3.58 23.17
N TRP B 17 -21.89 2.87 24.28
CA TRP B 17 -23.01 3.03 25.19
C TRP B 17 -22.65 4.03 26.23
N ARG B 18 -23.57 4.94 26.50
CA ARG B 18 -23.29 6.13 27.29
C ARG B 18 -23.01 5.76 28.73
N ARG B 19 -23.77 4.81 29.27
CA ARG B 19 -23.55 4.31 30.61
C ARG B 19 -22.36 3.34 30.61
N VAL B 20 -21.25 3.89 31.07
CA VAL B 20 -19.92 3.28 31.09
C VAL B 20 -19.82 1.91 31.79
N SER B 21 -20.72 1.63 32.70
CA SER B 21 -20.75 0.36 33.41
C SER B 21 -21.40 -0.75 32.59
N LEU B 22 -22.00 -0.39 31.46
CA LEU B 22 -22.60 -1.35 30.56
C LEU B 22 -21.70 -1.66 29.38
N GLY B 23 -21.90 -2.83 28.78
CA GLY B 23 -21.09 -3.27 27.64
C GLY B 23 -21.72 -4.45 26.91
N PRO B 24 -21.45 -5.69 27.40
CA PRO B 24 -21.87 -6.92 26.72
C PRO B 24 -23.40 -7.04 26.57
N GLU B 25 -24.14 -6.31 27.40
CA GLU B 25 -25.61 -6.32 27.41
C GLU B 25 -26.22 -5.59 26.22
N ILE B 26 -25.43 -4.72 25.59
CA ILE B 26 -25.96 -3.92 24.49
C ILE B 26 -25.98 -4.76 23.21
N GLU B 27 -27.15 -4.83 22.57
CA GLU B 27 -27.24 -5.45 21.25
C GLU B 27 -26.79 -4.40 20.27
N VAL B 28 -25.76 -4.75 19.49
CA VAL B 28 -25.11 -3.82 18.58
C VAL B 28 -25.28 -4.35 17.16
N SER B 29 -25.72 -3.49 16.24
CA SER B 29 -25.71 -3.85 14.83
C SER B 29 -25.15 -2.70 14.01
N TRP B 30 -24.23 -3.04 13.11
CA TRP B 30 -23.55 -2.06 12.24
C TRP B 30 -24.11 -2.16 10.87
N PHE B 31 -24.43 -1.00 10.28
CA PHE B 31 -24.97 -0.94 8.93
C PHE B 31 -24.09 -0.09 8.03
N LYS B 32 -23.96 -0.49 6.77
CA LYS B 32 -23.42 0.38 5.73
C LYS B 32 -24.57 1.12 5.08
N LEU B 33 -24.50 2.45 5.05
CA LEU B 33 -25.56 3.21 4.44
C LEU B 33 -25.36 3.32 2.93
N GLY B 34 -26.39 2.93 2.19
CA GLY B 34 -26.39 2.97 0.72
C GLY B 34 -27.13 4.20 0.19
N PRO B 35 -27.02 4.43 -1.14
CA PRO B 35 -27.28 5.75 -1.72
C PRO B 35 -28.75 6.21 -1.64
N GLY B 36 -29.63 5.36 -1.15
CA GLY B 36 -31.02 5.74 -0.94
C GLY B 36 -31.30 5.90 0.55
N GLU B 37 -30.23 6.20 1.30
CA GLU B 37 -30.28 6.27 2.76
C GLU B 37 -30.56 4.86 3.33
N GLU B 38 -30.35 3.84 2.48
CA GLU B 38 -30.61 2.44 2.82
C GLU B 38 -29.55 1.88 3.75
N GLN B 39 -30.01 1.00 4.64
CA GLN B 39 -29.17 0.31 5.61
C GLN B 39 -28.92 -1.11 5.13
N VAL B 40 -27.66 -1.48 4.95
CA VAL B 40 -27.34 -2.88 4.71
C VAL B 40 -26.60 -3.41 5.94
N LEU B 41 -27.12 -4.49 6.52
CA LEU B 41 -26.54 -5.05 7.73
C LEU B 41 -25.13 -5.62 7.50
N ILE B 42 -24.13 -5.04 8.18
CA ILE B 42 -22.77 -5.62 8.14
C ILE B 42 -22.70 -6.80 9.10
N GLY B 43 -22.95 -6.55 10.39
CA GLY B 43 -22.99 -7.62 11.38
C GLY B 43 -23.57 -7.20 12.71
N ARG B 44 -23.80 -8.18 13.57
CA ARG B 44 -24.38 -7.97 14.89
C ARG B 44 -23.46 -8.49 16.00
N MET B 45 -23.64 -7.91 17.18
CA MET B 45 -22.94 -8.33 18.40
C MET B 45 -23.87 -8.20 19.61
N HIS B 46 -23.79 -9.18 20.49
CA HIS B 46 -24.52 -9.25 21.74
C HIS B 46 -23.80 -10.24 22.62
N HIS B 47 -23.50 -9.87 23.86
CA HIS B 47 -22.70 -10.70 24.80
C HIS B 47 -21.46 -11.33 24.22
N ASP B 48 -20.73 -10.54 23.45
CA ASP B 48 -19.44 -10.96 22.88
C ASP B 48 -19.58 -12.16 21.95
N VAL B 49 -20.79 -12.35 21.45
CA VAL B 49 -21.03 -13.21 20.31
C VAL B 49 -21.18 -12.28 19.11
N ILE B 50 -20.36 -12.49 18.08
CA ILE B 50 -20.37 -11.65 16.90
C ILE B 50 -20.73 -12.50 15.69
N PHE B 51 -21.63 -11.99 14.84
CA PHE B 51 -21.91 -12.62 13.56
C PHE B 51 -21.84 -11.58 12.44
N ILE B 52 -20.98 -11.83 11.47
CA ILE B 52 -20.81 -10.94 10.33
C ILE B 52 -21.47 -11.56 9.12
N GLU B 53 -22.38 -10.80 8.52
CA GLU B 53 -23.09 -11.24 7.33
C GLU B 53 -22.11 -11.68 6.23
N TRP B 54 -22.49 -12.71 5.49
CA TRP B 54 -21.61 -13.33 4.50
C TRP B 54 -21.05 -12.40 3.46
N PRO B 55 -21.86 -11.48 2.90
CA PRO B 55 -21.24 -10.59 1.91
C PRO B 55 -20.13 -9.69 2.48
N PHE B 56 -20.05 -9.55 3.81
CA PHE B 56 -19.06 -8.69 4.45
C PHE B 56 -17.96 -9.44 5.17
N ARG B 57 -18.09 -10.76 5.26
CA ARG B 57 -17.18 -11.60 6.01
C ARG B 57 -15.75 -11.48 5.48
N GLY B 58 -14.82 -11.13 6.35
CA GLY B 58 -13.42 -10.99 5.95
C GLY B 58 -13.09 -9.56 5.63
N PHE B 59 -14.11 -8.77 5.29
CA PHE B 59 -13.91 -7.36 4.96
C PHE B 59 -14.17 -6.49 6.17
N PHE B 60 -15.09 -6.93 7.02
CA PHE B 60 -15.38 -6.21 8.24
C PHE B 60 -15.38 -7.16 9.41
N ASP B 61 -14.99 -6.64 10.57
CA ASP B 61 -15.21 -7.39 11.80
C ASP B 61 -15.70 -6.46 12.88
N ILE B 62 -16.27 -7.05 13.92
CA ILE B 62 -16.78 -6.29 15.06
C ILE B 62 -16.21 -6.82 16.38
N HIS B 63 -15.79 -5.93 17.28
CA HIS B 63 -15.49 -6.32 18.66
C HIS B 63 -15.87 -5.26 19.67
N ARG B 64 -15.90 -5.64 20.93
CA ARG B 64 -16.20 -4.73 22.01
C ARG B 64 -15.03 -4.58 22.96
N SER B 65 -14.87 -3.39 23.53
CA SER B 65 -14.13 -3.29 24.78
C SER B 65 -14.77 -2.21 25.64
N ALA B 66 -15.14 -2.63 26.85
CA ALA B 66 -15.83 -1.80 27.82
C ALA B 66 -17.19 -1.39 27.24
N ASN B 67 -17.45 -0.09 27.16
CA ASN B 67 -18.72 0.38 26.62
C ASN B 67 -18.58 0.72 25.14
N THR B 68 -17.44 0.31 24.55
CA THR B 68 -17.08 0.72 23.19
C THR B 68 -17.21 -0.41 22.18
N PHE B 69 -17.75 -0.07 21.00
CA PHE B 69 -18.05 -1.05 19.95
C PHE B 69 -17.33 -0.68 18.65
N PHE B 70 -16.40 -1.55 18.23
CA PHE B 70 -15.49 -1.30 17.12
C PHE B 70 -15.97 -1.99 15.87
N LEU B 71 -16.01 -1.25 14.74
CA LEU B 71 -16.16 -1.84 13.41
C LEU B 71 -14.80 -1.79 12.72
N VAL B 72 -14.20 -2.95 12.48
CA VAL B 72 -12.89 -3.02 11.83
C VAL B 72 -13.06 -3.28 10.35
N VAL B 73 -12.55 -2.38 9.53
CA VAL B 73 -12.45 -2.72 8.11
C VAL B 73 -11.01 -3.16 7.89
N THR B 74 -10.86 -4.39 7.42
CA THR B 74 -9.55 -5.06 7.44
C THR B 74 -8.58 -4.57 6.38
N ALA B 75 -9.11 -4.09 5.26
CA ALA B 75 -8.29 -3.51 4.19
C ALA B 75 -9.14 -2.55 3.40
N ALA B 76 -9.11 -1.28 3.77
CA ALA B 76 -9.99 -0.27 3.16
C ALA B 76 -9.92 -0.30 1.64
N ASN B 77 -11.11 -0.40 0.95
CA ASN B 77 -11.19 -0.26 -0.50
C ASN B 77 -12.19 0.84 -0.80
N ILE B 78 -12.21 1.37 -2.03
CA ILE B 78 -12.98 2.55 -2.38
C ILE B 78 -14.50 2.39 -2.12
N SER B 79 -15.03 1.19 -2.29
CA SER B 79 -16.44 0.92 -1.98
C SER B 79 -16.81 1.27 -0.53
N HIS B 80 -15.83 1.23 0.37
CA HIS B 80 -16.06 1.43 1.80
C HIS B 80 -16.20 2.87 2.19
N ASP B 81 -15.82 3.76 1.28
CA ASP B 81 -15.98 5.18 1.50
C ASP B 81 -17.46 5.45 1.70
N GLY B 82 -17.81 6.21 2.73
CA GLY B 82 -19.19 6.62 2.97
C GLY B 82 -19.58 6.44 4.41
N ASN B 83 -20.88 6.47 4.64
CA ASN B 83 -21.47 6.41 5.97
C ASN B 83 -21.81 5.03 6.50
N TYR B 84 -21.81 4.96 7.82
CA TYR B 84 -22.14 3.77 8.55
C TYR B 84 -23.05 4.17 9.68
N LEU B 85 -23.85 3.21 10.13
CA LEU B 85 -24.79 3.45 11.20
C LEU B 85 -24.63 2.35 12.22
N CYS B 86 -24.62 2.73 13.49
CA CYS B 86 -24.55 1.74 14.56
C CYS B 86 -25.76 1.83 15.46
N ARG B 87 -26.58 0.77 15.46
CA ARG B 87 -27.74 0.69 16.33
C ARG B 87 -27.49 -0.13 17.59
N MET B 88 -27.73 0.49 18.73
CA MET B 88 -27.51 -0.10 20.04
C MET B 88 -28.82 -0.20 20.77
N LYS B 89 -29.16 -1.39 21.26
CA LYS B 89 -30.40 -1.60 22.02
C LYS B 89 -30.16 -2.20 23.39
N LEU B 90 -30.78 -1.61 24.39
CA LEU B 90 -30.90 -2.19 25.71
C LEU B 90 -32.40 -2.23 26.06
N GLY B 91 -32.97 -3.44 26.16
CA GLY B 91 -34.39 -3.60 26.37
C GLY B 91 -35.18 -2.85 25.31
N GLU B 92 -36.11 -2.01 25.73
CA GLU B 92 -36.90 -1.24 24.78
C GLU B 92 -36.17 0.00 24.26
N THR B 93 -35.01 0.33 24.84
CA THR B 93 -34.36 1.60 24.48
C THR B 93 -33.28 1.44 23.43
N GLU B 94 -33.44 2.19 22.34
CA GLU B 94 -32.50 2.17 21.24
C GLU B 94 -31.90 3.54 21.00
N VAL B 95 -30.57 3.59 20.82
CA VAL B 95 -29.90 4.80 20.34
C VAL B 95 -29.01 4.46 19.13
N THR B 96 -28.90 5.39 18.19
CA THR B 96 -28.12 5.19 16.96
C THR B 96 -26.98 6.20 16.81
N LYS B 97 -25.82 5.75 16.30
CA LYS B 97 -24.73 6.66 16.00
C LYS B 97 -24.35 6.54 14.54
N GLN B 98 -24.05 7.67 13.92
CA GLN B 98 -23.60 7.67 12.54
C GLN B 98 -22.09 7.95 12.45
N GLU B 99 -21.44 7.32 11.49
CA GLU B 99 -20.01 7.53 11.28
C GLU B 99 -19.70 7.53 9.80
N HIS B 100 -19.04 8.57 9.33
CA HIS B 100 -18.54 8.62 7.98
C HIS B 100 -17.10 8.12 7.92
N LEU B 101 -16.80 7.27 6.94
CA LEU B 101 -15.43 6.86 6.63
C LEU B 101 -14.98 7.36 5.27
N SER B 102 -13.85 8.08 5.27
CA SER B 102 -13.20 8.52 4.05
C SER B 102 -12.09 7.58 3.63
N VAL B 103 -12.23 7.09 2.40
CA VAL B 103 -11.22 6.24 1.79
C VAL B 103 -10.57 7.07 0.70
N VAL B 104 -9.24 7.06 0.70
CA VAL B 104 -8.44 7.90 -0.17
C VAL B 104 -7.41 7.03 -0.84
N LYS B 105 -7.26 7.20 -2.14
CA LYS B 105 -6.16 6.58 -2.84
C LYS B 105 -5.19 7.69 -3.22
N PRO B 106 -3.92 7.59 -2.75
CA PRO B 106 -2.87 8.55 -3.06
C PRO B 106 -2.74 8.71 -4.56
N LEU B 107 -2.54 9.93 -5.04
CA LEU B 107 -2.50 10.17 -6.48
C LEU B 107 -1.27 9.59 -7.17
N THR B 108 -1.46 9.13 -8.39
CA THR B 108 -0.36 8.85 -9.28
C THR B 108 -0.37 9.92 -10.37
N LEU B 109 0.78 10.58 -10.54
CA LEU B 109 0.99 11.54 -11.62
C LEU B 109 1.99 11.00 -12.63
N SER B 110 1.59 10.98 -13.90
CA SER B 110 2.50 10.59 -15.00
C SER B 110 2.67 11.69 -16.02
N VAL B 111 3.86 11.72 -16.60
CA VAL B 111 4.19 12.58 -17.74
C VAL B 111 4.78 11.71 -18.85
N HIS B 112 4.33 11.95 -20.07
CA HIS B 112 4.99 11.44 -21.27
C HIS B 112 4.70 12.36 -22.40
N SER B 113 5.42 12.19 -23.51
CA SER B 113 5.24 13.05 -24.67
C SER B 113 5.16 12.25 -25.95
N GLU B 114 4.87 12.94 -27.04
CA GLU B 114 4.75 12.35 -28.35
C GLU B 114 4.86 13.47 -29.36
N ARG B 115 5.62 13.27 -30.42
CA ARG B 115 5.74 14.29 -31.46
C ARG B 115 4.79 13.95 -32.59
N SER B 116 4.44 14.95 -33.40
CA SER B 116 3.49 14.72 -34.48
C SER B 116 4.13 13.92 -35.62
N GLN B 117 3.30 13.29 -36.45
CA GLN B 117 3.79 12.54 -37.61
C GLN B 117 3.32 13.13 -38.93
N PHE B 118 2.36 14.05 -38.86
CA PHE B 118 1.82 14.76 -40.04
C PHE B 118 1.22 16.11 -39.62
N PRO B 119 1.44 17.19 -40.42
CA PRO B 119 2.22 17.29 -41.65
C PRO B 119 3.73 17.16 -41.46
N ASP B 120 4.22 17.18 -40.23
CA ASP B 120 5.64 17.00 -39.95
C ASP B 120 5.88 16.60 -38.49
N PHE B 121 7.14 16.54 -38.08
CA PHE B 121 7.52 16.05 -36.76
C PHE B 121 7.77 17.16 -35.72
N SER B 122 7.34 18.37 -36.03
CA SER B 122 7.70 19.54 -35.20
C SER B 122 6.83 19.84 -33.96
N VAL B 123 5.62 19.29 -33.88
CA VAL B 123 4.75 19.58 -32.74
C VAL B 123 4.93 18.52 -31.64
N LEU B 124 5.31 18.96 -30.45
CA LEU B 124 5.41 18.05 -29.30
C LEU B 124 4.13 18.09 -28.47
N THR B 125 3.55 16.94 -28.21
CA THR B 125 2.39 16.86 -27.33
C THR B 125 2.80 16.17 -26.04
N VAL B 126 2.82 16.94 -24.95
CA VAL B 126 3.14 16.34 -23.65
C VAL B 126 1.82 16.08 -22.95
N THR B 127 1.74 14.95 -22.25
CA THR B 127 0.52 14.48 -21.61
C THR B 127 0.77 14.31 -20.11
N CYS B 128 -0.15 14.85 -19.35
CA CYS B 128 -0.14 14.71 -17.92
C CYS B 128 -1.42 14.04 -17.44
N THR B 129 -1.23 13.01 -16.62
CA THR B 129 -2.30 12.15 -16.15
C THR B 129 -2.25 12.06 -14.63
N VAL B 130 -3.42 12.13 -14.00
CA VAL B 130 -3.54 11.89 -12.57
C VAL B 130 -4.61 10.83 -12.31
N ASN B 131 -4.21 9.80 -11.56
CA ASN B 131 -5.13 8.85 -10.98
C ASN B 131 -5.21 9.11 -9.48
N ALA B 132 -6.39 8.97 -8.90
CA ALA B 132 -6.59 9.26 -7.48
C ALA B 132 -8.03 8.94 -7.10
N PHE B 133 -8.31 9.02 -5.81
CA PHE B 133 -9.68 9.09 -5.31
C PHE B 133 -9.54 9.84 -3.99
N PRO B 134 -10.47 10.76 -3.69
CA PRO B 134 -11.72 11.08 -4.43
C PRO B 134 -11.61 12.00 -5.63
N HIS B 135 -10.81 13.07 -5.55
CA HIS B 135 -10.81 14.12 -6.58
C HIS B 135 -9.53 14.36 -7.35
N PRO B 136 -9.21 13.51 -8.33
CA PRO B 136 -8.04 13.82 -9.16
C PRO B 136 -8.28 15.06 -10.01
N HIS B 137 -7.22 15.86 -10.19
CA HIS B 137 -7.31 17.08 -10.99
C HIS B 137 -5.98 17.36 -11.63
N VAL B 138 -5.97 17.61 -12.94
CA VAL B 138 -4.73 17.95 -13.66
C VAL B 138 -4.86 19.22 -14.45
N GLN B 139 -3.71 19.80 -14.74
CA GLN B 139 -3.63 21.12 -15.30
C GLN B 139 -2.20 21.39 -15.75
N TRP B 140 -2.06 21.87 -16.98
CA TRP B 140 -0.81 22.40 -17.50
C TRP B 140 -0.71 23.86 -17.17
N LEU B 141 0.46 24.30 -16.73
CA LEU B 141 0.68 25.74 -16.56
C LEU B 141 1.22 26.36 -17.86
N MET B 142 0.49 27.34 -18.38
CA MET B 142 0.88 28.03 -19.63
C MET B 142 1.82 29.22 -19.37
N PRO B 143 2.81 29.43 -20.27
CA PRO B 143 3.66 30.61 -20.26
C PRO B 143 2.96 31.83 -19.69
N GLY B 156 -11.99 14.16 -20.23
CA GLY B 156 -13.03 13.41 -19.52
C GLY B 156 -12.50 12.49 -18.43
N VAL B 157 -13.26 12.39 -17.35
CA VAL B 157 -12.90 11.57 -16.18
C VAL B 157 -13.17 10.10 -16.49
N MET B 158 -12.15 9.27 -16.28
CA MET B 158 -12.28 7.84 -16.48
C MET B 158 -12.37 7.08 -15.15
N LYS B 159 -13.20 6.05 -15.14
CA LYS B 159 -13.50 5.26 -13.95
C LYS B 159 -12.69 3.98 -14.03
N GLU B 160 -11.87 3.72 -13.02
CA GLU B 160 -11.02 2.52 -13.05
C GLU B 160 -11.69 1.34 -12.36
N LYS B 161 -11.16 0.13 -12.59
CA LYS B 161 -11.74 -1.07 -12.00
C LYS B 161 -11.70 -1.11 -10.47
N ASP B 162 -10.77 -0.39 -9.86
CA ASP B 162 -10.65 -0.40 -8.41
C ASP B 162 -11.50 0.69 -7.75
N GLY B 163 -12.19 1.49 -8.57
CA GLY B 163 -13.08 2.53 -8.08
C GLY B 163 -12.51 3.94 -8.21
N SER B 164 -11.23 4.02 -8.54
CA SER B 164 -10.52 5.30 -8.63
C SER B 164 -10.77 5.99 -9.96
N LEU B 165 -10.35 7.25 -10.04
CA LEU B 165 -10.65 8.10 -11.17
C LEU B 165 -9.37 8.60 -11.82
N SER B 166 -9.37 8.65 -13.15
CA SER B 166 -8.21 9.11 -13.92
C SER B 166 -8.57 10.28 -14.81
N VAL B 167 -7.70 11.26 -14.82
CA VAL B 167 -7.88 12.43 -15.66
C VAL B 167 -6.57 12.75 -16.39
N ALA B 168 -6.69 13.27 -17.60
CA ALA B 168 -5.54 13.56 -18.45
C ALA B 168 -5.70 14.85 -19.23
N VAL B 169 -4.61 15.62 -19.30
CA VAL B 169 -4.57 16.82 -20.17
C VAL B 169 -3.36 16.81 -21.11
N ASP B 170 -3.59 17.27 -22.34
CA ASP B 170 -2.54 17.36 -23.35
C ASP B 170 -2.09 18.79 -23.55
N LEU B 171 -0.79 18.98 -23.80
CA LEU B 171 -0.27 20.29 -24.17
C LEU B 171 0.54 20.17 -25.46
N SER B 172 0.09 20.87 -26.50
CA SER B 172 0.77 20.80 -27.79
C SER B 172 1.67 22.01 -27.99
N LEU B 173 2.95 21.75 -28.26
CA LEU B 173 3.96 22.79 -28.35
C LEU B 173 4.53 22.87 -29.76
N PRO B 174 4.41 24.04 -30.40
CA PRO B 174 5.00 24.16 -31.72
C PRO B 174 6.49 24.43 -31.59
N LYS B 175 7.24 24.19 -32.66
CA LYS B 175 8.67 24.45 -32.70
C LYS B 175 8.93 25.96 -32.72
N PRO B 176 9.97 26.44 -31.98
CA PRO B 176 10.82 25.71 -31.05
C PRO B 176 10.09 25.46 -29.73
N TRP B 177 10.28 24.28 -29.16
CA TRP B 177 9.53 23.89 -27.97
C TRP B 177 9.93 24.67 -26.77
N HIS B 178 8.93 25.27 -26.14
CA HIS B 178 9.10 26.06 -24.94
C HIS B 178 9.20 25.14 -23.76
N LEU B 179 10.42 24.69 -23.47
CA LEU B 179 10.66 23.76 -22.36
C LEU B 179 11.58 24.41 -21.35
N PRO B 180 11.45 24.05 -20.06
CA PRO B 180 10.56 23.09 -19.42
C PRO B 180 9.09 23.50 -19.33
N VAL B 181 8.19 22.52 -19.18
CA VAL B 181 6.77 22.79 -18.94
C VAL B 181 6.28 22.04 -17.71
N THR B 182 5.46 22.73 -16.93
CA THR B 182 5.00 22.24 -15.64
C THR B 182 3.53 21.84 -15.64
N CYS B 183 3.32 20.68 -15.07
CA CYS B 183 2.02 20.08 -14.91
C CYS B 183 1.72 19.98 -13.39
N VAL B 184 0.55 20.44 -12.97
CA VAL B 184 0.16 20.35 -11.54
C VAL B 184 -1.01 19.40 -11.34
N GLY B 185 -0.81 18.39 -10.49
CA GLY B 185 -1.82 17.40 -10.19
C GLY B 185 -2.28 17.52 -8.75
N LYS B 186 -3.56 17.25 -8.54
CA LYS B 186 -4.14 17.40 -7.21
C LYS B 186 -5.13 16.29 -6.90
N ASN B 187 -5.18 15.92 -5.62
CA ASN B 187 -6.26 15.09 -5.13
C ASN B 187 -7.13 16.01 -4.31
N ASP B 188 -6.87 16.20 -3.04
CA ASP B 188 -7.51 17.36 -2.41
C ASP B 188 -6.41 18.34 -2.02
N LYS B 189 -5.92 18.23 -0.79
CA LYS B 189 -4.71 18.95 -0.40
C LYS B 189 -3.49 18.29 -1.03
N GLU B 190 -3.62 17.01 -1.40
CA GLU B 190 -2.52 16.28 -2.01
C GLU B 190 -2.10 16.90 -3.34
N GLU B 191 -0.79 17.03 -3.52
CA GLU B 191 -0.24 17.73 -4.68
C GLU B 191 1.06 17.13 -5.21
N ALA B 192 1.15 16.95 -6.53
CA ALA B 192 2.38 16.57 -7.20
C ALA B 192 2.56 17.43 -8.43
N HIS B 193 3.80 17.59 -8.87
CA HIS B 193 4.09 18.25 -10.14
C HIS B 193 4.80 17.31 -11.10
N GLY B 194 4.56 17.52 -12.39
CA GLY B 194 5.29 16.86 -13.45
C GLY B 194 5.94 17.92 -14.32
N VAL B 195 7.22 17.73 -14.63
CA VAL B 195 7.95 18.67 -15.50
C VAL B 195 8.50 17.88 -16.67
N TYR B 196 8.22 18.35 -17.88
CA TYR B 196 8.91 17.86 -19.05
C TYR B 196 10.01 18.85 -19.38
N VAL B 197 11.25 18.37 -19.31
CA VAL B 197 12.43 19.24 -19.28
C VAL B 197 13.15 19.31 -20.63
N SER B 198 13.40 18.15 -21.24
CA SER B 198 13.97 18.09 -22.59
C SER B 198 13.51 16.86 -23.35
N GLY B 199 13.39 17.01 -24.68
CA GLY B 199 13.13 15.89 -25.58
C GLY B 199 14.37 15.05 -25.82
N TYR B 200 14.19 13.97 -26.59
CA TYR B 200 15.25 13.00 -26.81
C TYR B 200 16.30 13.50 -27.80
N LEU B 201 15.88 14.19 -28.84
CA LEU B 201 16.83 14.73 -29.84
C LEU B 201 17.16 16.19 -29.58
N SER B 202 18.33 16.64 -30.05
CA SER B 202 18.77 18.04 -29.91
C SER B 202 17.82 19.03 -30.59
N ALA C 2 -10.32 -26.71 25.08
CA ALA C 2 -10.55 -26.17 23.70
C ALA C 2 -9.28 -25.47 23.15
N VAL C 3 -9.38 -24.47 22.28
CA VAL C 3 -10.63 -23.96 21.77
C VAL C 3 -11.00 -24.67 20.46
N THR C 4 -12.29 -24.93 20.31
CA THR C 4 -12.80 -25.62 19.14
C THR C 4 -13.69 -24.65 18.38
N ALA C 5 -13.56 -24.68 17.06
CA ALA C 5 -14.40 -23.88 16.18
C ALA C 5 -14.95 -24.78 15.08
N PHE C 6 -16.15 -24.51 14.62
CA PHE C 6 -16.64 -25.22 13.46
C PHE C 6 -16.31 -24.45 12.19
N LEU C 7 -16.28 -25.17 11.07
CA LEU C 7 -15.98 -24.60 9.78
C LEU C 7 -16.91 -23.43 9.51
N GLY C 8 -16.33 -22.28 9.17
CA GLY C 8 -17.13 -21.09 8.90
C GLY C 8 -17.33 -20.17 10.08
N GLU C 9 -17.07 -20.67 11.29
CA GLU C 9 -17.28 -19.86 12.50
C GLU C 9 -16.21 -18.82 12.74
N ARG C 10 -16.64 -17.67 13.26
CA ARG C 10 -15.73 -16.69 13.82
C ARG C 10 -15.27 -17.24 15.16
N VAL C 11 -13.98 -17.20 15.42
CA VAL C 11 -13.48 -17.71 16.68
C VAL C 11 -12.33 -16.83 17.14
N THR C 12 -11.98 -16.93 18.41
CA THR C 12 -11.08 -15.98 19.01
C THR C 12 -9.97 -16.67 19.85
N LEU C 13 -8.72 -16.28 19.65
CA LEU C 13 -7.65 -16.75 20.58
C LEU C 13 -7.18 -15.57 21.40
N THR C 14 -6.93 -15.80 22.68
CA THR C 14 -6.56 -14.69 23.55
C THR C 14 -5.19 -14.88 24.19
N SER C 15 -4.57 -13.76 24.52
CA SER C 15 -3.35 -13.73 25.29
C SER C 15 -3.40 -12.49 26.17
N TYR C 16 -2.55 -12.43 27.18
CA TYR C 16 -2.57 -11.27 28.06
C TYR C 16 -1.22 -10.88 28.63
N TRP C 17 -1.13 -9.62 29.04
CA TRP C 17 -0.01 -9.14 29.79
C TRP C 17 -0.31 -9.13 31.27
N ARG C 18 0.63 -9.64 32.06
CA ARG C 18 0.44 -9.91 33.49
C ARG C 18 0.31 -8.67 34.38
N ARG C 19 1.07 -7.62 34.06
CA ARG C 19 0.90 -6.31 34.68
C ARG C 19 -0.36 -5.66 34.05
N VAL C 20 -1.44 -5.66 34.82
CA VAL C 20 -2.75 -5.22 34.40
C VAL C 20 -2.83 -3.75 33.94
N SER C 21 -1.89 -2.93 34.42
CA SER C 21 -1.85 -1.51 34.08
C SER C 21 -1.20 -1.22 32.73
N LEU C 22 -0.61 -2.23 32.11
CA LEU C 22 0.01 -2.07 30.80
C LEU C 22 -0.94 -2.62 29.74
N GLY C 23 -0.81 -2.14 28.51
CA GLY C 23 -1.68 -2.60 27.42
C GLY C 23 -1.11 -2.28 26.06
N PRO C 24 -1.25 -1.01 25.62
CA PRO C 24 -0.70 -0.57 24.34
C PRO C 24 0.83 -0.70 24.26
N GLU C 25 1.51 -0.59 25.39
CA GLU C 25 2.97 -0.61 25.43
C GLU C 25 3.57 -1.93 24.96
N ILE C 26 2.81 -3.01 25.11
CA ILE C 26 3.30 -4.35 24.76
C ILE C 26 3.35 -4.53 23.24
N GLU C 27 4.51 -4.95 22.72
CA GLU C 27 4.60 -5.33 21.30
C GLU C 27 4.06 -6.76 21.19
N VAL C 28 2.96 -6.91 20.47
CA VAL C 28 2.28 -8.19 20.32
C VAL C 28 2.47 -8.74 18.89
N SER C 29 2.85 -10.01 18.77
CA SER C 29 2.85 -10.66 17.47
C SER C 29 2.38 -12.10 17.54
N TRP C 30 1.52 -12.45 16.60
CA TRP C 30 0.87 -13.76 16.51
C TRP C 30 1.41 -14.50 15.34
N PHE C 31 1.66 -15.78 15.56
CA PHE C 31 2.29 -16.63 14.58
C PHE C 31 1.43 -17.86 14.43
N LYS C 32 1.34 -18.36 13.21
CA LYS C 32 0.78 -19.68 12.98
C LYS C 32 1.96 -20.64 12.95
N LEU C 33 1.92 -21.68 13.79
CA LEU C 33 3.01 -22.67 13.81
C LEU C 33 2.72 -23.78 12.82
N GLY C 34 3.76 -24.20 12.10
CA GLY C 34 3.64 -25.17 11.02
C GLY C 34 4.76 -26.19 11.01
N PRO C 35 4.69 -27.14 10.05
CA PRO C 35 5.55 -28.31 10.03
C PRO C 35 7.03 -27.92 9.86
N GLY C 36 7.82 -28.12 10.92
CA GLY C 36 7.35 -28.64 12.19
C GLY C 36 7.79 -27.74 13.32
N GLU C 37 8.50 -26.68 12.97
CA GLU C 37 9.01 -25.71 13.96
C GLU C 37 9.01 -24.27 13.43
N GLU C 38 8.72 -24.14 12.15
CA GLU C 38 8.60 -22.84 11.53
C GLU C 38 7.45 -22.07 12.18
N GLN C 39 7.60 -20.76 12.27
CA GLN C 39 6.59 -19.85 12.78
C GLN C 39 6.33 -18.86 11.66
N VAL C 40 5.07 -18.69 11.29
CA VAL C 40 4.73 -17.77 10.23
C VAL C 40 3.98 -16.59 10.84
N LEU C 41 4.53 -15.39 10.63
CA LEU C 41 3.96 -14.17 11.19
C LEU C 41 2.55 -13.89 10.63
N ILE C 42 1.54 -13.89 11.50
CA ILE C 42 0.17 -13.52 11.09
C ILE C 42 0.03 -12.00 11.09
N GLY C 43 0.24 -11.36 12.24
CA GLY C 43 0.31 -9.90 12.30
C GLY C 43 0.83 -9.33 13.60
N ARG C 44 1.00 -8.02 13.63
CA ARG C 44 1.56 -7.31 14.80
C ARG C 44 0.67 -6.19 15.30
N MET C 45 0.80 -5.90 16.59
CA MET C 45 0.10 -4.81 17.23
C MET C 45 1.01 -4.17 18.26
N HIS C 46 1.04 -2.84 18.26
CA HIS C 46 1.82 -2.05 19.18
C HIS C 46 1.20 -0.68 19.19
N HIS C 47 0.87 -0.19 20.38
CA HIS C 47 0.22 1.11 20.56
C HIS C 47 -1.05 1.26 19.77
N ASP C 48 -1.79 0.16 19.68
CA ASP C 48 -3.06 0.12 18.97
C ASP C 48 -2.92 0.32 17.47
N VAL C 49 -1.70 0.14 16.97
CA VAL C 49 -1.50 0.02 15.55
C VAL C 49 -1.38 -1.46 15.21
N ILE C 50 -2.25 -1.93 14.32
CA ILE C 50 -2.31 -3.33 13.95
C ILE C 50 -2.04 -3.47 12.47
N PHE C 51 -1.07 -4.32 12.14
CA PHE C 51 -0.79 -4.67 10.76
C PHE C 51 -0.84 -6.16 10.58
N ILE C 52 -1.77 -6.60 9.74
CA ILE C 52 -1.87 -8.00 9.38
C ILE C 52 -1.16 -8.25 8.05
N GLU C 53 -0.20 -9.18 8.09
CA GLU C 53 0.56 -9.60 6.91
C GLU C 53 -0.38 -9.94 5.77
N TRP C 54 0.01 -9.59 4.54
CA TRP C 54 -0.86 -9.68 3.37
C TRP C 54 -1.45 -11.04 3.13
N PRO C 55 -0.68 -12.13 3.33
CA PRO C 55 -1.33 -13.43 3.11
C PRO C 55 -2.49 -13.79 4.06
N PHE C 56 -2.51 -13.22 5.25
CA PHE C 56 -3.54 -13.53 6.24
C PHE C 56 -4.63 -12.47 6.30
N ARG C 57 -4.48 -11.43 5.49
CA ARG C 57 -5.39 -10.29 5.48
C ARG C 57 -6.82 -10.71 5.15
N GLY C 58 -7.75 -10.36 6.03
CA GLY C 58 -9.16 -10.72 5.86
C GLY C 58 -9.47 -12.06 6.52
N PHE C 59 -8.45 -12.85 6.78
CA PHE C 59 -8.69 -14.10 7.46
C PHE C 59 -8.50 -13.94 8.95
N PHE C 60 -7.56 -13.08 9.33
CA PHE C 60 -7.22 -12.88 10.73
C PHE C 60 -7.20 -11.41 11.06
N ASP C 61 -7.54 -11.07 12.30
CA ASP C 61 -7.37 -9.72 12.75
C ASP C 61 -6.90 -9.73 14.18
N ILE C 62 -6.42 -8.60 14.66
CA ILE C 62 -5.94 -8.51 16.02
C ILE C 62 -6.46 -7.27 16.70
N HIS C 63 -6.85 -7.40 17.97
CA HIS C 63 -7.19 -6.22 18.73
C HIS C 63 -6.86 -6.38 20.17
N ARG C 64 -6.82 -5.25 20.87
CA ARG C 64 -6.54 -5.21 22.28
C ARG C 64 -7.79 -4.82 23.02
N SER C 65 -7.97 -5.36 24.22
CA SER C 65 -8.92 -4.79 25.14
C SER C 65 -8.22 -4.07 26.30
N ALA C 66 -7.91 -4.73 27.39
CA ALA C 66 -7.19 -3.91 28.38
C ALA C 66 -5.74 -4.34 28.27
N ASN C 67 -5.33 -5.25 29.14
CA ASN C 67 -4.06 -5.96 29.07
C ASN C 67 -4.24 -7.25 28.28
N THR C 68 -5.33 -7.33 27.52
CA THR C 68 -5.69 -8.55 26.85
C THR C 68 -5.70 -8.43 25.33
N PHE C 69 -5.13 -9.43 24.69
CA PHE C 69 -4.86 -9.40 23.27
C PHE C 69 -5.61 -10.51 22.54
N PHE C 70 -6.28 -10.17 21.44
CA PHE C 70 -7.17 -11.11 20.76
C PHE C 70 -6.75 -11.39 19.31
N LEU C 71 -6.65 -12.68 18.96
CA LEU C 71 -6.52 -13.10 17.57
C LEU C 71 -7.91 -13.54 17.07
N VAL C 72 -8.46 -12.81 16.11
CA VAL C 72 -9.72 -13.20 15.52
C VAL C 72 -9.45 -13.88 14.19
N VAL C 73 -9.95 -15.10 14.07
CA VAL C 73 -10.01 -15.75 12.78
C VAL C 73 -11.46 -15.65 12.35
N THR C 74 -11.66 -14.89 11.27
CA THR C 74 -12.97 -14.43 10.85
C THR C 74 -13.94 -15.51 10.34
N ALA C 75 -13.40 -16.56 9.72
CA ALA C 75 -14.19 -17.70 9.23
C ALA C 75 -13.35 -18.96 9.25
N ALA C 76 -13.45 -19.74 10.31
CA ALA C 76 -12.54 -20.86 10.51
C ALA C 76 -12.56 -21.79 9.31
N ASN C 77 -11.38 -22.02 8.63
CA ASN C 77 -11.26 -23.07 7.63
C ASN C 77 -10.23 -24.07 8.08
N ILE C 78 -10.17 -25.23 7.44
CA ILE C 78 -9.42 -26.38 7.91
C ILE C 78 -7.93 -26.13 8.11
N SER C 79 -7.36 -25.32 7.23
CA SER C 79 -5.98 -24.87 7.34
C SER C 79 -5.68 -24.17 8.69
N HIS C 80 -6.71 -23.67 9.37
CA HIS C 80 -6.51 -22.93 10.62
C HIS C 80 -6.38 -23.81 11.82
N ASP C 81 -6.78 -25.08 11.67
CA ASP C 81 -6.54 -26.10 12.68
C ASP C 81 -5.02 -26.21 12.91
N GLY C 82 -4.59 -26.09 14.17
CA GLY C 82 -3.17 -26.21 14.54
C GLY C 82 -2.78 -25.32 15.70
N ASN C 83 -1.47 -25.20 15.94
CA ASN C 83 -0.95 -24.35 17.02
C ASN C 83 -0.69 -22.91 16.63
N TYR C 84 -0.82 -22.02 17.62
CA TYR C 84 -0.52 -20.60 17.45
C TYR C 84 0.37 -20.12 18.59
N LEU C 85 1.22 -19.15 18.28
CA LEU C 85 2.10 -18.56 19.28
C LEU C 85 1.94 -17.04 19.36
N CYS C 86 1.74 -16.53 20.57
CA CYS C 86 1.72 -15.10 20.74
C CYS C 86 2.99 -14.68 21.45
N ARG C 87 3.69 -13.72 20.85
CA ARG C 87 4.89 -13.18 21.44
C ARG C 87 4.65 -11.76 21.92
N MET C 88 4.78 -11.58 23.23
CA MET C 88 4.60 -10.29 23.90
C MET C 88 5.93 -9.75 24.42
N LYS C 89 6.23 -8.50 24.07
CA LYS C 89 7.53 -7.94 24.35
C LYS C 89 7.38 -6.57 24.98
N LEU C 90 8.06 -6.36 26.10
CA LEU C 90 8.13 -5.04 26.74
C LEU C 90 9.61 -4.73 26.94
N GLY C 91 10.10 -3.80 26.12
CA GLY C 91 11.53 -3.56 25.98
C GLY C 91 12.31 -4.86 25.91
N GLU C 92 12.99 -5.18 26.99
CA GLU C 92 13.92 -6.34 27.03
C GLU C 92 13.25 -7.68 27.35
N THR C 93 12.04 -7.60 27.92
CA THR C 93 11.32 -8.78 28.41
C THR C 93 10.38 -9.28 27.34
N GLU C 94 10.41 -10.58 27.10
CA GLU C 94 9.46 -11.21 26.21
C GLU C 94 8.80 -12.34 26.96
N VAL C 95 7.46 -12.42 26.91
CA VAL C 95 6.79 -13.64 27.37
C VAL C 95 5.93 -14.22 26.25
N THR C 96 5.90 -15.55 26.23
CA THR C 96 5.34 -16.30 25.12
C THR C 96 4.15 -17.13 25.55
N LYS C 97 3.13 -17.18 24.68
CA LYS C 97 1.95 -18.01 24.95
C LYS C 97 1.56 -18.83 23.72
N GLN C 98 1.44 -20.15 23.94
CA GLN C 98 1.03 -21.07 22.89
C GLN C 98 -0.43 -21.46 23.03
N GLU C 99 -1.10 -21.60 21.88
CA GLU C 99 -2.54 -21.83 21.86
C GLU C 99 -2.96 -22.70 20.67
N HIS C 100 -3.73 -23.74 20.95
CA HIS C 100 -4.19 -24.64 19.91
C HIS C 100 -5.61 -24.39 19.52
N LEU C 101 -5.86 -24.38 18.21
CA LEU C 101 -7.20 -24.24 17.65
C LEU C 101 -7.61 -25.50 16.92
N SER C 102 -8.76 -26.06 17.31
CA SER C 102 -9.35 -27.19 16.61
C SER C 102 -10.43 -26.70 15.69
N VAL C 103 -10.25 -26.95 14.39
CA VAL C 103 -11.30 -26.70 13.43
C VAL C 103 -11.99 -28.03 13.14
N VAL C 104 -13.30 -28.00 13.09
CA VAL C 104 -14.08 -29.20 12.91
C VAL C 104 -15.11 -28.97 11.80
N LYS C 105 -15.16 -29.93 10.87
CA LYS C 105 -16.24 -29.96 9.88
C LYS C 105 -17.20 -31.05 10.29
N PRO C 106 -18.46 -30.67 10.56
CA PRO C 106 -19.48 -31.64 10.97
C PRO C 106 -19.64 -32.67 9.88
N LEU C 107 -19.89 -33.92 10.25
CA LEU C 107 -19.95 -34.97 9.24
C LEU C 107 -21.19 -34.89 8.35
N THR C 108 -21.02 -35.32 7.09
CA THR C 108 -22.13 -35.65 6.20
C THR C 108 -22.12 -37.15 5.93
N LEU C 109 -23.25 -37.80 6.22
CA LEU C 109 -23.44 -39.21 5.89
C LEU C 109 -24.40 -39.36 4.73
N SER C 110 -24.00 -40.15 3.73
CA SER C 110 -24.84 -40.47 2.57
C SER C 110 -25.00 -41.96 2.40
N VAL C 111 -26.21 -42.36 2.00
CA VAL C 111 -26.49 -43.73 1.54
C VAL C 111 -27.24 -43.74 0.21
N HIS C 112 -26.81 -44.63 -0.67
CA HIS C 112 -27.52 -44.91 -1.91
C HIS C 112 -27.22 -46.31 -2.30
N SER C 113 -28.09 -46.91 -3.11
CA SER C 113 -27.88 -48.27 -3.54
C SER C 113 -27.67 -48.36 -5.04
N GLU C 114 -27.23 -49.53 -5.49
CA GLU C 114 -27.08 -49.83 -6.90
C GLU C 114 -27.20 -51.33 -7.08
N ARG C 115 -28.12 -51.77 -7.95
CA ARG C 115 -28.17 -53.18 -8.30
C ARG C 115 -27.14 -53.53 -9.38
N SER C 116 -26.70 -54.78 -9.39
CA SER C 116 -25.74 -55.24 -10.39
C SER C 116 -26.35 -55.33 -11.77
N GLN C 117 -25.50 -55.32 -12.80
CA GLN C 117 -25.94 -55.40 -14.18
C GLN C 117 -25.39 -56.64 -14.86
N PHE C 118 -24.42 -57.29 -14.23
CA PHE C 118 -23.85 -58.54 -14.73
C PHE C 118 -23.35 -59.43 -13.57
N PRO C 119 -23.56 -60.77 -13.66
CA PRO C 119 -24.28 -61.47 -14.73
C PRO C 119 -25.80 -61.32 -14.66
N ASP C 120 -26.31 -60.78 -13.56
CA ASP C 120 -27.73 -60.48 -13.45
C ASP C 120 -27.97 -59.29 -12.52
N PHE C 121 -29.23 -59.02 -12.21
CA PHE C 121 -29.63 -57.85 -11.44
C PHE C 121 -29.97 -58.18 -10.00
N SER C 122 -29.48 -59.32 -9.51
CA SER C 122 -29.90 -59.83 -8.20
C SER C 122 -29.05 -59.34 -7.00
N VAL C 123 -27.92 -58.73 -7.28
CA VAL C 123 -27.04 -58.25 -6.20
C VAL C 123 -27.28 -56.76 -5.96
N LEU C 124 -27.57 -56.42 -4.72
CA LEU C 124 -27.66 -55.02 -4.33
C LEU C 124 -26.40 -54.67 -3.55
N THR C 125 -25.63 -53.71 -4.06
CA THR C 125 -24.57 -53.10 -3.26
C THR C 125 -24.97 -51.71 -2.79
N VAL C 126 -24.96 -51.53 -1.48
CA VAL C 126 -25.34 -50.28 -0.88
C VAL C 126 -24.08 -49.59 -0.36
N THR C 127 -24.00 -48.28 -0.61
CA THR C 127 -22.82 -47.47 -0.36
C THR C 127 -23.09 -46.43 0.70
N CYS C 128 -22.17 -46.37 1.67
CA CYS C 128 -22.25 -45.37 2.71
C CYS C 128 -20.99 -44.51 2.72
N THR C 129 -21.20 -43.20 2.67
CA THR C 129 -20.11 -42.23 2.55
C THR C 129 -20.12 -41.29 3.74
N VAL C 130 -18.95 -41.08 4.33
CA VAL C 130 -18.81 -40.07 5.37
C VAL C 130 -17.70 -39.08 5.05
N ASN C 131 -18.08 -37.80 4.98
CA ASN C 131 -17.17 -36.67 4.88
C ASN C 131 -17.17 -35.89 6.19
N ALA C 132 -15.98 -35.65 6.73
CA ALA C 132 -15.82 -34.89 7.97
C ALA C 132 -14.41 -34.34 8.10
N PHE C 133 -14.19 -33.55 9.15
CA PHE C 133 -12.86 -33.25 9.63
C PHE C 133 -12.94 -33.17 11.15
N PRO C 134 -11.96 -33.76 11.86
CA PRO C 134 -10.72 -34.35 11.35
C PRO C 134 -10.75 -35.85 11.06
N HIS C 135 -11.70 -36.59 11.65
CA HIS C 135 -11.62 -38.04 11.62
C HIS C 135 -12.85 -38.76 11.12
N PRO C 136 -13.12 -38.70 9.80
CA PRO C 136 -14.29 -39.46 9.33
C PRO C 136 -14.04 -40.97 9.36
N HIS C 137 -15.08 -41.73 9.69
CA HIS C 137 -14.99 -43.18 9.82
C HIS C 137 -16.33 -43.78 9.53
N VAL C 138 -16.38 -44.74 8.61
CA VAL C 138 -17.61 -45.42 8.24
C VAL C 138 -17.50 -46.91 8.47
N GLN C 139 -18.64 -47.53 8.74
CA GLN C 139 -18.75 -48.98 8.65
C GLN C 139 -20.19 -49.47 8.55
N TRP C 140 -20.32 -50.68 8.01
CA TRP C 140 -21.59 -51.38 7.96
C TRP C 140 -21.69 -52.28 9.15
N LEU C 141 -22.84 -52.28 9.80
CA LEU C 141 -23.12 -53.25 10.85
C LEU C 141 -23.45 -54.59 10.19
N MET C 142 -22.63 -55.59 10.48
CA MET C 142 -22.76 -56.91 9.85
C MET C 142 -23.76 -57.81 10.60
N PRO C 143 -24.68 -58.45 9.84
CA PRO C 143 -25.49 -59.54 10.39
C PRO C 143 -24.63 -60.75 10.81
N GLY C 156 -8.72 -45.98 1.31
CA GLY C 156 -9.58 -45.22 0.42
C GLY C 156 -10.06 -43.92 1.04
N VAL C 157 -9.10 -43.04 1.37
CA VAL C 157 -9.37 -41.74 1.97
C VAL C 157 -9.16 -40.61 0.96
N MET C 158 -10.26 -40.06 0.44
CA MET C 158 -10.20 -38.95 -0.49
C MET C 158 -10.04 -37.63 0.29
N LYS C 159 -9.12 -36.79 -0.17
CA LYS C 159 -8.88 -35.48 0.46
C LYS C 159 -9.51 -34.40 -0.42
N GLU C 160 -10.48 -33.70 0.14
CA GLU C 160 -11.29 -32.75 -0.62
C GLU C 160 -10.62 -31.38 -0.77
N LYS C 161 -11.16 -30.56 -1.69
CA LYS C 161 -10.69 -29.20 -1.95
C LYS C 161 -10.65 -28.34 -0.68
N ASP C 162 -11.68 -28.48 0.15
CA ASP C 162 -11.76 -27.69 1.38
C ASP C 162 -10.91 -28.25 2.54
N GLY C 163 -10.05 -29.22 2.25
CA GLY C 163 -9.18 -29.80 3.26
C GLY C 163 -9.79 -30.93 4.07
N SER C 164 -11.08 -31.20 3.86
CA SER C 164 -11.78 -32.28 4.58
C SER C 164 -11.55 -33.66 3.97
N LEU C 165 -11.91 -34.70 4.72
CA LEU C 165 -11.69 -36.06 4.26
C LEU C 165 -12.97 -36.84 4.02
N SER C 166 -12.98 -37.61 2.94
CA SER C 166 -14.09 -38.50 2.61
C SER C 166 -13.67 -39.99 2.59
N VAL C 167 -14.52 -40.83 3.17
CA VAL C 167 -14.33 -42.27 3.17
C VAL C 167 -15.67 -42.94 2.82
N ALA C 168 -15.59 -44.12 2.20
CA ALA C 168 -16.79 -44.83 1.76
C ALA C 168 -16.64 -46.34 1.88
N VAL C 169 -17.72 -47.01 2.26
CA VAL C 169 -17.75 -48.48 2.33
C VAL C 169 -18.90 -49.05 1.52
N ASP C 170 -18.64 -50.18 0.88
CA ASP C 170 -19.64 -50.91 0.12
C ASP C 170 -20.07 -52.19 0.82
N LEU C 171 -21.36 -52.46 0.74
CA LEU C 171 -21.91 -53.72 1.24
C LEU C 171 -22.69 -54.37 0.10
N SER C 172 -22.44 -55.65 -0.15
CA SER C 172 -23.11 -56.37 -1.23
C SER C 172 -24.06 -57.45 -0.72
N LEU C 173 -25.33 -57.33 -1.09
CA LEU C 173 -26.36 -58.25 -0.64
C LEU C 173 -26.85 -59.08 -1.82
N PRO C 174 -26.71 -60.42 -1.71
CA PRO C 174 -27.33 -61.30 -2.70
C PRO C 174 -28.80 -61.51 -2.37
N LYS C 175 -29.57 -62.02 -3.32
CA LYS C 175 -30.98 -62.34 -3.09
C LYS C 175 -31.16 -63.54 -2.15
N PRO C 176 -32.19 -63.48 -1.27
CA PRO C 176 -33.02 -62.30 -1.04
C PRO C 176 -32.32 -61.33 -0.09
N TRP C 177 -32.53 -60.03 -0.33
CA TRP C 177 -31.80 -58.99 0.39
C TRP C 177 -32.23 -58.87 1.81
N HIS C 178 -31.26 -58.93 2.73
CA HIS C 178 -31.55 -58.79 4.16
C HIS C 178 -31.70 -57.36 4.60
N LEU C 179 -32.83 -56.75 4.23
CA LEU C 179 -33.12 -55.37 4.60
C LEU C 179 -34.01 -55.33 5.83
N PRO C 180 -33.86 -54.32 6.70
CA PRO C 180 -33.00 -53.14 6.57
C PRO C 180 -31.52 -53.38 6.93
N VAL C 181 -30.65 -52.54 6.39
CA VAL C 181 -29.23 -52.55 6.72
C VAL C 181 -28.78 -51.18 7.22
N THR C 182 -27.84 -51.20 8.17
CA THR C 182 -27.43 -49.98 8.86
C THR C 182 -25.95 -49.71 8.70
N CYS C 183 -25.67 -48.46 8.36
CA CYS C 183 -24.34 -47.93 8.27
C CYS C 183 -24.11 -47.01 9.47
N VAL C 184 -22.90 -47.03 10.03
CA VAL C 184 -22.54 -46.13 11.13
C VAL C 184 -21.39 -45.19 10.74
N GLY C 185 -21.67 -43.90 10.82
CA GLY C 185 -20.70 -42.86 10.51
C GLY C 185 -20.34 -42.08 11.76
N LYS C 186 -19.03 -41.82 11.91
CA LYS C 186 -18.52 -41.10 13.08
C LYS C 186 -17.51 -40.05 12.66
N ASN C 187 -17.40 -38.98 13.45
CA ASN C 187 -16.25 -38.07 13.35
C ASN C 187 -15.33 -38.40 14.53
N ASP C 188 -15.51 -37.75 15.67
CA ASP C 188 -14.94 -38.28 16.89
C ASP C 188 -16.12 -38.75 17.74
N LYS C 189 -16.62 -37.88 18.61
CA LYS C 189 -17.83 -38.20 19.36
C LYS C 189 -19.09 -37.99 18.51
N GLU C 190 -18.92 -37.50 17.28
CA GLU C 190 -20.05 -37.25 16.40
C GLU C 190 -20.49 -38.55 15.71
N GLU C 191 -21.79 -38.79 15.71
CA GLU C 191 -22.33 -40.04 15.21
C GLU C 191 -23.63 -39.86 14.46
N ALA C 192 -23.71 -40.52 13.30
CA ALA C 192 -24.93 -40.59 12.52
C ALA C 192 -25.08 -41.98 11.92
N HIS C 193 -26.31 -42.38 11.67
CA HIS C 193 -26.59 -43.65 11.01
C HIS C 193 -27.31 -43.45 9.70
N GLY C 194 -27.02 -44.33 8.75
CA GLY C 194 -27.79 -44.43 7.52
C GLY C 194 -28.44 -45.79 7.48
N VAL C 195 -29.75 -45.81 7.22
CA VAL C 195 -30.50 -47.07 7.13
C VAL C 195 -31.16 -47.21 5.77
N TYR C 196 -30.83 -48.29 5.06
CA TYR C 196 -31.50 -48.61 3.81
C TYR C 196 -32.62 -49.63 4.07
N VAL C 197 -33.85 -49.15 3.97
CA VAL C 197 -35.02 -49.90 4.43
C VAL C 197 -35.60 -50.79 3.33
N SER C 198 -35.71 -50.25 2.12
CA SER C 198 -36.19 -51.02 0.98
C SER C 198 -35.75 -50.45 -0.35
N GLY C 199 -35.57 -51.35 -1.33
CA GLY C 199 -35.29 -50.97 -2.70
C GLY C 199 -36.54 -50.48 -3.41
N TYR C 200 -36.39 -50.13 -4.67
CA TYR C 200 -37.47 -49.54 -5.46
C TYR C 200 -38.42 -50.59 -6.05
N LEU C 201 -37.84 -51.72 -6.49
CA LEU C 201 -38.51 -52.80 -7.25
C LEU C 201 -38.72 -52.46 -8.72
N ASP D 1 52.40 20.77 -55.97
CA ASP D 1 53.46 21.33 -56.86
C ASP D 1 52.87 22.40 -57.80
N PRO D 2 52.31 23.48 -57.23
CA PRO D 2 51.57 24.49 -58.01
C PRO D 2 52.46 25.44 -58.80
N SER D 3 51.83 26.22 -59.69
CA SER D 3 52.51 27.22 -60.51
C SER D 3 51.52 28.31 -60.94
N GLU D 4 52.01 29.29 -61.71
CA GLU D 4 51.18 30.39 -62.21
C GLU D 4 50.29 29.98 -63.38
N TYR D 5 50.44 28.73 -63.85
CA TYR D 5 49.51 28.11 -64.80
C TYR D 5 48.10 28.11 -64.23
N CYS D 6 48.02 27.73 -62.95
CA CYS D 6 46.76 27.55 -62.24
C CYS D 6 45.87 28.80 -62.27
N SER D 7 46.49 29.97 -62.43
CA SER D 7 45.78 31.25 -62.51
C SER D 7 44.67 31.25 -63.57
N HIS D 8 44.95 30.67 -64.73
CA HIS D 8 43.96 30.60 -65.81
C HIS D 8 43.86 29.23 -66.44
N MET D 9 43.81 28.20 -65.58
CA MET D 9 43.57 26.82 -66.02
C MET D 9 42.11 26.65 -66.45
N ILE D 10 41.20 27.19 -65.62
CA ILE D 10 39.77 27.18 -65.92
C ILE D 10 39.41 28.43 -66.70
N GLY D 11 39.05 28.25 -67.97
CA GLY D 11 38.62 29.36 -68.82
C GLY D 11 37.12 29.58 -68.75
N SER D 12 36.65 30.65 -69.39
CA SER D 12 35.23 30.97 -69.44
C SER D 12 34.44 30.01 -70.32
N GLY D 13 35.12 29.41 -71.30
CA GLY D 13 34.52 28.37 -72.16
C GLY D 13 34.17 27.11 -71.39
N HIS D 14 34.99 26.79 -70.39
CA HIS D 14 34.70 25.69 -69.46
C HIS D 14 33.45 25.99 -68.69
N LEU D 15 33.27 27.26 -68.31
CA LEU D 15 32.11 27.71 -67.56
C LEU D 15 30.85 27.76 -68.42
N GLN D 16 30.97 28.32 -69.63
CA GLN D 16 29.86 28.32 -70.58
C GLN D 16 29.34 26.90 -70.82
N SER D 17 30.25 25.94 -70.99
CA SER D 17 29.87 24.55 -71.23
C SER D 17 29.09 23.93 -70.06
N LEU D 18 29.50 24.25 -68.83
CA LEU D 18 28.75 23.87 -67.64
C LEU D 18 27.33 24.42 -67.70
N GLN D 19 27.21 25.73 -67.92
CA GLN D 19 25.92 26.41 -67.97
C GLN D 19 25.06 25.88 -69.13
N ARG D 20 25.70 25.35 -70.15
CA ARG D 20 25.00 24.72 -71.26
C ARG D 20 24.30 23.44 -70.79
N LEU D 21 25.00 22.64 -69.99
CA LEU D 21 24.43 21.42 -69.40
C LEU D 21 23.16 21.76 -68.62
N ILE D 22 23.26 22.74 -67.74
CA ILE D 22 22.15 23.21 -66.93
C ILE D 22 21.00 23.69 -67.81
N ASP D 23 21.30 24.48 -68.82
CA ASP D 23 20.28 25.05 -69.69
C ASP D 23 19.57 23.98 -70.52
N SER D 24 20.27 22.91 -70.85
CA SER D 24 19.75 21.88 -71.74
C SER D 24 18.96 20.75 -71.09
N GLN D 25 18.98 20.65 -69.75
CA GLN D 25 18.24 19.60 -69.04
C GLN D 25 16.75 19.89 -68.94
N MET D 26 15.94 18.82 -69.02
CA MET D 26 14.50 18.92 -68.81
C MET D 26 14.18 19.11 -67.34
N GLU D 27 13.28 20.03 -67.05
CA GLU D 27 12.81 20.22 -65.70
C GLU D 27 11.82 19.12 -65.31
N THR D 28 12.28 18.22 -64.46
CA THR D 28 11.41 17.22 -63.86
C THR D 28 11.63 17.21 -62.35
N SER D 29 10.78 16.50 -61.62
CA SER D 29 10.95 16.33 -60.19
C SER D 29 11.72 15.05 -59.86
N CYS D 30 12.37 14.49 -60.87
CA CYS D 30 13.24 13.34 -60.68
C CYS D 30 14.34 13.64 -59.64
N GLN D 31 14.59 12.68 -58.77
CA GLN D 31 15.71 12.77 -57.86
C GLN D 31 16.62 11.54 -57.98
N ILE D 32 17.92 11.77 -57.89
CA ILE D 32 18.92 10.70 -57.86
C ILE D 32 19.74 10.87 -56.59
N THR D 33 20.39 9.83 -56.12
CA THR D 33 21.33 10.01 -55.02
C THR D 33 22.77 9.89 -55.45
N PHE D 34 23.59 10.77 -54.87
CA PHE D 34 25.01 10.86 -55.17
C PHE D 34 25.75 11.29 -53.92
N GLU D 35 27.01 10.86 -53.81
CA GLU D 35 27.94 11.33 -52.79
C GLU D 35 28.54 12.66 -53.19
N PHE D 36 28.52 13.62 -52.27
CA PHE D 36 29.26 14.86 -52.46
C PHE D 36 29.82 15.37 -51.13
N VAL D 37 30.53 16.50 -51.16
CA VAL D 37 31.08 17.08 -49.94
C VAL D 37 29.98 17.80 -49.15
N ASP D 38 30.00 17.56 -47.83
CA ASP D 38 29.01 18.05 -46.90
C ASP D 38 29.36 19.46 -46.45
N GLN D 39 28.54 20.43 -46.86
CA GLN D 39 28.82 21.85 -46.63
C GLN D 39 28.59 22.29 -45.17
N GLU D 40 27.73 21.57 -44.46
CA GLU D 40 27.53 21.81 -43.02
C GLU D 40 28.74 21.36 -42.20
N GLN D 41 29.30 20.21 -42.57
CA GLN D 41 30.50 19.66 -41.93
C GLN D 41 31.74 20.45 -42.30
N LEU D 42 31.81 20.92 -43.54
CA LEU D 42 33.02 21.54 -44.08
C LEU D 42 32.79 22.97 -44.58
N LYS D 43 32.72 23.92 -43.65
CA LYS D 43 32.38 25.31 -43.97
C LYS D 43 33.49 26.14 -44.65
N ASP D 44 34.76 25.86 -44.34
CA ASP D 44 35.84 26.63 -44.96
C ASP D 44 35.84 26.52 -46.50
N PRO D 45 35.67 27.66 -47.20
CA PRO D 45 35.56 27.69 -48.66
C PRO D 45 36.75 27.07 -49.38
N VAL D 46 37.97 27.37 -48.95
CA VAL D 46 39.16 26.81 -49.58
C VAL D 46 39.21 25.27 -49.50
N CYS D 47 39.07 24.75 -48.29
CA CYS D 47 39.09 23.31 -48.06
C CYS D 47 37.88 22.58 -48.66
N TYR D 48 36.69 23.19 -48.58
CA TYR D 48 35.53 22.68 -49.30
C TYR D 48 35.92 22.43 -50.74
N LEU D 49 36.48 23.45 -51.38
CA LEU D 49 36.85 23.37 -52.79
C LEU D 49 37.87 22.27 -53.04
N LYS D 50 38.88 22.16 -52.16
CA LYS D 50 39.89 21.11 -52.28
C LYS D 50 39.25 19.74 -52.17
N LYS D 51 38.35 19.59 -51.21
CA LYS D 51 37.70 18.30 -51.02
C LYS D 51 36.85 17.92 -52.23
N ALA D 52 35.97 18.84 -52.62
CA ALA D 52 35.06 18.68 -53.76
C ALA D 52 35.83 18.21 -54.99
N PHE D 53 37.04 18.74 -55.15
CA PHE D 53 37.85 18.43 -56.31
C PHE D 53 38.32 17.00 -56.38
N LEU D 54 38.62 16.41 -55.24
CA LEU D 54 38.99 15.00 -55.22
C LEU D 54 37.78 14.10 -55.45
N LEU D 55 36.62 14.70 -55.69
CA LEU D 55 35.37 13.95 -55.88
C LEU D 55 34.71 14.12 -57.24
N VAL D 56 34.82 15.31 -57.83
CA VAL D 56 34.18 15.61 -59.12
C VAL D 56 34.66 14.70 -60.24
N GLN D 57 35.88 14.18 -60.06
CA GLN D 57 36.45 13.17 -60.95
C GLN D 57 35.49 11.98 -61.05
N ASP D 58 35.25 11.31 -59.93
CA ASP D 58 34.33 10.18 -59.88
C ASP D 58 32.88 10.60 -60.10
N ILE D 59 32.47 11.70 -59.48
CA ILE D 59 31.12 12.21 -59.66
C ILE D 59 30.75 12.22 -61.13
N MET D 60 31.56 12.90 -61.94
CA MET D 60 31.26 13.06 -63.35
C MET D 60 31.10 11.73 -64.09
N GLU D 61 31.98 10.77 -63.83
CA GLU D 61 31.88 9.46 -64.45
C GLU D 61 30.53 8.76 -64.15
N ASP D 62 30.12 8.77 -62.89
CA ASP D 62 28.98 7.98 -62.45
C ASP D 62 27.62 8.70 -62.55
N THR D 63 27.67 10.02 -62.63
CA THR D 63 26.46 10.81 -62.47
C THR D 63 26.10 11.64 -63.69
N MET D 64 27.11 12.04 -64.46
CA MET D 64 26.87 12.89 -65.62
C MET D 64 27.20 12.14 -66.89
N ARG D 65 26.22 11.37 -67.37
CA ARG D 65 26.44 10.47 -68.50
C ARG D 65 25.67 10.91 -69.74
N PHE D 66 26.40 11.04 -70.83
CA PHE D 66 25.86 11.41 -72.15
C PHE D 66 26.43 10.47 -73.20
N ARG D 67 25.73 10.32 -74.33
CA ARG D 67 26.19 9.41 -75.37
C ARG D 67 27.41 9.94 -76.09
N ASP D 68 28.29 9.02 -76.46
CA ASP D 68 29.57 9.32 -77.10
C ASP D 68 29.46 10.36 -78.21
N ASN D 69 30.37 11.32 -78.20
CA ASN D 69 30.49 12.33 -79.26
C ASN D 69 29.43 13.44 -79.26
N THR D 70 28.50 13.38 -78.31
CA THR D 70 27.48 14.41 -78.13
C THR D 70 28.12 15.69 -77.60
N PRO D 71 27.56 16.88 -77.94
CA PRO D 71 28.08 18.13 -77.38
C PRO D 71 28.39 18.06 -75.89
N ASN D 72 27.40 17.64 -75.09
CA ASN D 72 27.54 17.55 -73.63
C ASN D 72 28.53 16.48 -73.15
N ALA D 73 28.61 15.36 -73.85
CA ALA D 73 29.60 14.33 -73.56
C ALA D 73 30.99 14.92 -73.71
N ILE D 74 31.21 15.60 -74.84
CA ILE D 74 32.47 16.30 -75.12
C ILE D 74 32.85 17.23 -73.98
N ALA D 75 31.91 18.08 -73.55
CA ALA D 75 32.14 19.01 -72.45
C ALA D 75 32.55 18.31 -71.14
N ILE D 76 32.07 17.08 -70.94
CA ILE D 76 32.47 16.27 -69.79
C ILE D 76 33.90 15.77 -69.99
N VAL D 77 34.21 15.27 -71.20
CA VAL D 77 35.54 14.77 -71.53
C VAL D 77 36.60 15.85 -71.30
N GLN D 78 36.26 17.09 -71.62
CA GLN D 78 37.16 18.22 -71.41
C GLN D 78 37.30 18.59 -69.94
N LEU D 79 36.20 18.50 -69.21
CA LEU D 79 36.19 18.75 -67.76
C LEU D 79 36.96 17.65 -67.00
N GLN D 80 37.03 16.47 -67.59
CA GLN D 80 37.88 15.38 -67.09
C GLN D 80 39.37 15.72 -67.32
N GLU D 81 39.66 16.29 -68.49
CA GLU D 81 41.01 16.74 -68.82
C GLU D 81 41.42 17.93 -67.97
N LEU D 82 40.50 18.89 -67.83
CA LEU D 82 40.74 20.06 -66.97
C LEU D 82 41.09 19.63 -65.55
N SER D 83 40.38 18.63 -65.05
CA SER D 83 40.61 18.11 -63.70
C SER D 83 41.93 17.37 -63.59
N LEU D 84 42.32 16.69 -64.67
CA LEU D 84 43.63 16.05 -64.74
C LEU D 84 44.77 17.07 -64.78
N ARG D 85 44.48 18.25 -65.35
CA ARG D 85 45.44 19.36 -65.39
C ARG D 85 45.53 20.09 -64.05
N LEU D 86 44.51 19.91 -63.22
CA LEU D 86 44.39 20.59 -61.93
C LEU D 86 44.96 19.79 -60.75
N LYS D 87 45.44 18.58 -61.01
CA LYS D 87 45.94 17.68 -59.96
C LYS D 87 47.23 18.16 -59.29
N SER D 88 47.92 19.10 -59.94
CA SER D 88 49.16 19.67 -59.42
C SER D 88 48.90 20.92 -58.58
N CYS D 89 47.82 21.63 -58.90
CA CYS D 89 47.47 22.89 -58.21
C CYS D 89 46.82 22.68 -56.82
N PHE D 90 46.53 21.42 -56.49
CA PHE D 90 46.06 21.04 -55.15
C PHE D 90 47.09 20.08 -54.59
N THR D 91 47.60 20.35 -53.40
CA THR D 91 48.55 19.44 -52.75
C THR D 91 47.81 18.45 -51.84
N LYS D 92 48.36 17.24 -51.70
CA LYS D 92 47.67 16.17 -50.96
C LYS D 92 47.62 16.39 -49.45
N ASP D 93 46.51 15.97 -48.84
CA ASP D 93 46.33 15.98 -47.39
C ASP D 93 46.14 14.54 -46.92
N TYR D 94 46.40 14.27 -45.63
CA TYR D 94 46.34 12.89 -45.05
C TYR D 94 45.20 12.04 -45.63
N GLU D 95 45.54 10.81 -46.05
CA GLU D 95 44.59 9.86 -46.66
C GLU D 95 43.50 9.36 -45.71
N GLU D 96 43.77 9.43 -44.41
CA GLU D 96 42.79 9.15 -43.36
C GLU D 96 41.48 9.95 -43.57
N HIS D 97 41.61 11.12 -44.21
CA HIS D 97 40.50 12.04 -44.47
C HIS D 97 39.89 11.88 -45.85
N ASP D 98 39.97 10.67 -46.43
CA ASP D 98 39.47 10.44 -47.79
C ASP D 98 37.95 10.31 -47.87
N LYS D 99 37.32 10.00 -46.74
CA LYS D 99 35.88 9.76 -46.65
C LYS D 99 35.23 10.82 -45.77
N ALA D 100 36.06 11.66 -45.14
CA ALA D 100 35.57 12.69 -44.24
C ALA D 100 34.88 13.79 -45.05
N CYS D 101 33.92 14.46 -44.42
CA CYS D 101 33.26 15.64 -45.00
C CYS D 101 32.36 15.28 -46.18
N VAL D 102 32.14 13.98 -46.35
CA VAL D 102 31.36 13.43 -47.45
C VAL D 102 30.00 12.89 -46.99
N ARG D 103 29.02 12.95 -47.88
CA ARG D 103 27.64 12.77 -47.52
C ARG D 103 26.84 12.48 -48.79
N THR D 104 25.81 11.64 -48.69
CA THR D 104 24.97 11.43 -49.89
C THR D 104 23.89 12.50 -49.96
N PHE D 105 23.40 12.75 -51.16
CA PHE D 105 22.32 13.70 -51.41
C PHE D 105 21.28 13.01 -52.27
N TYR D 106 20.01 13.24 -51.98
CA TYR D 106 18.91 12.70 -52.79
C TYR D 106 18.27 13.87 -53.50
N GLU D 107 18.81 14.21 -54.65
CA GLU D 107 18.46 15.46 -55.28
C GLU D 107 18.27 15.35 -56.78
N THR D 108 17.73 16.41 -57.34
CA THR D 108 17.52 16.60 -58.76
C THR D 108 18.81 16.64 -59.60
N PRO D 109 18.78 16.07 -60.82
CA PRO D 109 19.88 16.16 -61.77
C PRO D 109 20.42 17.58 -61.93
N LEU D 110 19.50 18.54 -62.03
CA LEU D 110 19.84 19.95 -62.15
C LEU D 110 20.50 20.49 -60.90
N GLN D 111 20.05 20.01 -59.72
CA GLN D 111 20.64 20.43 -58.45
C GLN D 111 22.08 19.94 -58.34
N LEU D 112 22.31 18.71 -58.82
CA LEU D 112 23.66 18.13 -58.91
C LEU D 112 24.54 19.00 -59.81
N LEU D 113 23.98 19.41 -60.95
CA LEU D 113 24.70 20.25 -61.90
C LEU D 113 25.02 21.61 -61.33
N GLU D 114 24.11 22.17 -60.52
CA GLU D 114 24.37 23.44 -59.87
C GLU D 114 25.56 23.29 -58.91
N LYS D 115 25.57 22.19 -58.16
CA LYS D 115 26.66 21.87 -57.24
C LYS D 115 27.99 21.84 -57.98
N VAL D 116 28.08 21.00 -59.01
CA VAL D 116 29.30 20.80 -59.79
C VAL D 116 29.79 22.09 -60.46
N LYS D 117 28.85 22.91 -60.96
CA LYS D 117 29.20 24.18 -61.58
C LYS D 117 29.86 25.12 -60.58
N ASN D 118 29.31 25.18 -59.37
CA ASN D 118 29.81 26.10 -58.34
C ASN D 118 31.21 25.73 -57.83
N VAL D 119 31.55 24.44 -57.87
CA VAL D 119 32.91 24.04 -57.57
C VAL D 119 33.84 24.75 -58.54
N PHE D 120 33.57 24.62 -59.84
CA PHE D 120 34.40 25.27 -60.85
C PHE D 120 34.36 26.81 -60.83
N ASN D 121 33.12 27.39 -60.79
CA ASN D 121 32.93 28.83 -60.67
C ASN D 121 33.68 29.41 -59.48
N GLU D 122 33.58 28.84 -58.24
CA GLU D 122 34.20 29.35 -57.02
C GLU D 122 35.71 29.09 -56.98
N THR D 123 36.14 27.96 -57.55
CA THR D 123 37.55 27.65 -57.70
C THR D 123 38.23 28.71 -58.56
N LYS D 124 37.66 28.98 -59.73
CA LYS D 124 38.19 29.97 -60.68
C LYS D 124 38.37 31.35 -60.04
N ASN D 125 37.34 31.81 -59.33
CA ASN D 125 37.39 33.08 -58.60
C ASN D 125 38.59 33.19 -57.68
N LEU D 126 38.72 32.25 -56.75
CA LEU D 126 39.86 32.20 -55.82
C LEU D 126 41.18 32.01 -56.56
N LEU D 127 41.15 31.26 -57.65
CA LEU D 127 42.35 30.96 -58.44
C LEU D 127 42.80 32.16 -59.27
N ASP D 128 41.85 33.03 -59.61
CA ASP D 128 42.13 34.30 -60.27
C ASP D 128 42.88 35.22 -59.32
N LYS D 129 42.45 35.21 -58.06
CA LYS D 129 43.05 36.04 -57.02
C LYS D 129 44.42 35.54 -56.58
N ASP D 130 44.48 34.33 -56.03
CA ASP D 130 45.75 33.71 -55.61
C ASP D 130 45.87 32.32 -56.24
N TRP D 131 46.90 32.14 -57.07
CA TRP D 131 47.12 30.87 -57.78
C TRP D 131 47.59 29.77 -56.87
N ASN D 132 48.16 30.15 -55.73
CA ASN D 132 48.75 29.20 -54.80
C ASN D 132 47.81 28.84 -53.63
N ILE D 133 46.58 29.34 -53.72
CA ILE D 133 45.61 29.21 -52.63
C ILE D 133 45.38 27.75 -52.19
N PHE D 134 45.41 26.80 -53.13
CA PHE D 134 45.16 25.39 -52.81
C PHE D 134 46.42 24.60 -52.41
N SER D 135 47.44 25.33 -51.97
CA SER D 135 48.55 24.70 -51.25
C SER D 135 48.23 24.75 -49.75
N LYS D 136 47.01 25.19 -49.42
CA LYS D 136 46.54 25.26 -48.04
C LYS D 136 46.46 23.87 -47.45
N ASN D 137 47.06 23.72 -46.27
CA ASN D 137 46.92 22.50 -45.50
C ASN D 137 45.51 22.42 -44.90
N CYS D 138 44.72 21.46 -45.36
CA CYS D 138 43.35 21.31 -44.92
C CYS D 138 43.14 20.17 -43.93
N ASN D 139 44.23 19.54 -43.50
CA ASN D 139 44.16 18.43 -42.56
C ASN D 139 43.28 18.71 -41.35
N ASN D 140 43.43 19.91 -40.78
CA ASN D 140 42.61 20.33 -39.65
C ASN D 140 41.14 20.56 -40.03
N SER D 141 40.90 21.15 -41.19
CA SER D 141 39.51 21.40 -41.65
C SER D 141 38.75 20.09 -41.82
N PHE D 142 39.35 19.18 -42.58
CA PHE D 142 38.80 17.85 -42.81
C PHE D 142 38.59 17.11 -41.49
N ALA D 143 39.53 17.30 -40.56
CA ALA D 143 39.49 16.63 -39.26
C ALA D 143 38.32 17.07 -38.39
N GLU D 144 37.82 18.27 -38.65
CA GLU D 144 36.69 18.80 -37.89
C GLU D 144 35.34 18.17 -38.29
N CYS D 145 35.30 17.54 -39.46
CA CYS D 145 34.10 16.83 -39.93
C CYS D 145 33.79 15.58 -39.09
N ASP E 1 -28.61 37.38 36.85
CA ASP E 1 -28.99 36.22 37.72
C ASP E 1 -27.76 35.47 38.31
N PRO E 2 -26.56 35.75 37.79
CA PRO E 2 -25.43 35.43 38.69
C PRO E 2 -25.30 36.49 39.78
N SER E 3 -24.62 36.16 40.87
CA SER E 3 -24.33 37.13 41.94
C SER E 3 -23.05 36.77 42.72
N GLU E 4 -22.69 37.65 43.65
CA GLU E 4 -21.51 37.51 44.48
C GLU E 4 -21.37 36.10 45.05
N TYR E 5 -22.51 35.52 45.40
CA TYR E 5 -22.60 34.18 45.97
C TYR E 5 -21.85 33.11 45.15
N CYS E 6 -21.80 33.30 43.84
CA CYS E 6 -21.21 32.35 42.92
C CYS E 6 -19.73 32.09 43.23
N SER E 7 -19.08 33.09 43.79
CA SER E 7 -17.71 33.08 44.21
C SER E 7 -17.49 32.19 45.42
N HIS E 8 -18.59 31.71 46.00
CA HIS E 8 -18.52 30.98 47.27
C HIS E 8 -19.11 29.59 47.24
N MET E 9 -19.32 29.04 46.05
CA MET E 9 -19.99 27.74 45.96
C MET E 9 -19.01 26.56 45.85
N ILE E 10 -18.06 26.62 44.92
CA ILE E 10 -17.10 25.52 44.78
C ILE E 10 -16.08 25.68 45.89
N GLY E 11 -16.19 24.87 46.92
CA GLY E 11 -15.25 24.93 48.03
C GLY E 11 -14.07 24.01 47.74
N SER E 12 -12.97 24.19 48.48
CA SER E 12 -11.81 23.29 48.31
C SER E 12 -12.11 21.87 48.81
N GLY E 13 -13.17 21.72 49.61
CA GLY E 13 -13.69 20.40 49.99
C GLY E 13 -14.15 19.57 48.79
N HIS E 14 -14.85 20.23 47.85
CA HIS E 14 -15.29 19.58 46.62
C HIS E 14 -14.10 19.08 45.83
N LEU E 15 -13.08 19.92 45.73
CA LEU E 15 -11.92 19.62 44.92
C LEU E 15 -11.09 18.50 45.53
N GLN E 16 -11.01 18.44 46.86
CA GLN E 16 -10.33 17.33 47.53
C GLN E 16 -11.09 16.03 47.32
N SER E 17 -12.42 16.11 47.23
CA SER E 17 -13.23 14.92 46.99
C SER E 17 -12.96 14.39 45.58
N LEU E 18 -12.87 15.29 44.60
CA LEU E 18 -12.46 14.92 43.25
C LEU E 18 -11.05 14.28 43.25
N GLN E 19 -10.13 14.81 44.04
CA GLN E 19 -8.77 14.23 44.12
C GLN E 19 -8.77 12.82 44.76
N ARG E 20 -9.66 12.60 45.72
CA ARG E 20 -9.86 11.28 46.33
C ARG E 20 -10.43 10.27 45.34
N LEU E 21 -11.34 10.69 44.47
CA LEU E 21 -11.84 9.81 43.41
C LEU E 21 -10.66 9.36 42.55
N ILE E 22 -9.86 10.34 42.13
CA ILE E 22 -8.66 10.05 41.37
C ILE E 22 -7.74 9.11 42.13
N ASP E 23 -7.30 9.48 43.33
CA ASP E 23 -6.24 8.73 44.07
C ASP E 23 -6.64 7.30 44.40
N SER E 24 -7.95 7.05 44.44
CA SER E 24 -8.45 5.76 44.87
C SER E 24 -8.66 4.75 43.72
N GLN E 25 -8.63 5.21 42.46
CA GLN E 25 -8.79 4.31 41.31
C GLN E 25 -7.56 3.42 41.08
N MET E 26 -7.81 2.12 40.95
CA MET E 26 -6.81 1.14 40.56
C MET E 26 -6.38 1.40 39.12
N GLU E 27 -5.09 1.21 38.87
CA GLU E 27 -4.48 1.43 37.55
C GLU E 27 -4.64 0.21 36.65
N THR E 28 -5.42 0.38 35.58
CA THR E 28 -5.55 -0.61 34.51
C THR E 28 -5.30 0.07 33.19
N SER E 29 -5.16 -0.69 32.09
CA SER E 29 -5.02 -0.12 30.75
C SER E 29 -6.39 0.00 30.07
N CYS E 30 -7.40 -0.14 30.90
CA CYS E 30 -8.78 -0.07 30.52
C CYS E 30 -9.12 1.29 29.94
N GLN E 31 -9.89 1.29 28.86
CA GLN E 31 -10.40 2.51 28.27
C GLN E 31 -11.91 2.50 28.10
N ILE E 32 -12.52 3.68 28.21
CA ILE E 32 -13.96 3.89 28.03
C ILE E 32 -14.21 5.08 27.08
N THR E 33 -15.35 5.06 26.41
CA THR E 33 -15.71 6.18 25.56
C THR E 33 -16.69 7.09 26.28
N PHE E 34 -16.39 8.38 26.20
CA PHE E 34 -17.27 9.40 26.74
C PHE E 34 -17.23 10.61 25.85
N GLU E 35 -18.24 11.46 25.99
CA GLU E 35 -18.38 12.64 25.18
C GLU E 35 -17.97 13.83 26.02
N PHE E 36 -17.15 14.72 25.47
CA PHE E 36 -16.76 15.89 26.22
C PHE E 36 -16.46 17.06 25.29
N VAL E 37 -16.13 18.21 25.87
CA VAL E 37 -15.85 19.40 25.06
C VAL E 37 -14.49 19.30 24.38
N ASP E 38 -14.48 19.61 23.09
CA ASP E 38 -13.28 19.61 22.26
C ASP E 38 -12.43 20.85 22.53
N GLN E 39 -11.31 20.65 23.23
CA GLN E 39 -10.40 21.75 23.59
C GLN E 39 -9.64 22.30 22.38
N GLU E 40 -9.58 21.50 21.32
CA GLU E 40 -9.03 21.93 20.05
C GLU E 40 -9.95 22.90 19.31
N GLN E 41 -11.25 22.87 19.64
CA GLN E 41 -12.26 23.69 18.96
C GLN E 41 -12.71 24.88 19.77
N LEU E 42 -12.93 24.66 21.07
CA LEU E 42 -13.12 25.74 22.02
C LEU E 42 -11.80 26.03 22.71
N LYS E 43 -11.11 27.05 22.23
CA LYS E 43 -9.85 27.45 22.82
C LYS E 43 -10.10 28.45 23.95
N ASP E 44 -11.03 29.38 23.73
CA ASP E 44 -11.39 30.38 24.73
C ASP E 44 -11.68 29.76 26.10
N PRO E 45 -10.90 30.15 27.11
CA PRO E 45 -11.00 29.54 28.45
C PRO E 45 -12.39 29.67 29.10
N VAL E 46 -12.99 30.87 29.06
CA VAL E 46 -14.31 31.07 29.66
C VAL E 46 -15.34 30.20 28.95
N CYS E 47 -15.40 30.33 27.62
CA CYS E 47 -16.37 29.58 26.82
C CYS E 47 -16.21 28.06 26.91
N TYR E 48 -14.97 27.58 26.92
CA TYR E 48 -14.71 26.17 27.21
C TYR E 48 -15.47 25.69 28.46
N LEU E 49 -15.23 26.37 29.59
CA LEU E 49 -15.87 26.03 30.86
C LEU E 49 -17.40 26.18 30.83
N LYS E 50 -17.90 27.23 30.18
CA LYS E 50 -19.36 27.38 30.06
C LYS E 50 -19.95 26.14 29.44
N LYS E 51 -19.32 25.69 28.37
CA LYS E 51 -19.73 24.47 27.67
C LYS E 51 -19.54 23.20 28.51
N ALA E 52 -18.35 23.04 29.11
CA ALA E 52 -18.02 21.84 29.89
C ALA E 52 -19.07 21.61 30.98
N PHE E 53 -19.52 22.73 31.53
CA PHE E 53 -20.43 22.74 32.64
C PHE E 53 -21.84 22.27 32.25
N LEU E 54 -22.27 22.60 31.04
CA LEU E 54 -23.55 22.08 30.55
C LEU E 54 -23.52 20.57 30.23
N LEU E 55 -22.37 19.93 30.42
CA LEU E 55 -22.23 18.51 30.13
C LEU E 55 -21.96 17.72 31.39
N VAL E 56 -21.38 18.41 32.37
CA VAL E 56 -20.84 17.78 33.57
C VAL E 56 -21.83 16.96 34.41
N GLN E 57 -23.11 17.35 34.43
CA GLN E 57 -24.15 16.65 35.21
C GLN E 57 -24.44 15.27 34.63
N ASP E 58 -24.84 15.24 33.35
CA ASP E 58 -25.03 13.98 32.62
C ASP E 58 -23.70 13.16 32.60
N ILE E 59 -22.56 13.81 32.33
CA ILE E 59 -21.29 13.08 32.37
C ILE E 59 -21.19 12.30 33.68
N MET E 60 -21.44 12.98 34.80
CA MET E 60 -21.34 12.37 36.12
C MET E 60 -22.21 11.15 36.32
N GLU E 61 -23.48 11.29 35.95
CA GLU E 61 -24.45 10.26 36.16
C GLU E 61 -24.13 9.01 35.35
N ASP E 62 -23.64 9.20 34.12
CA ASP E 62 -23.43 8.07 33.20
C ASP E 62 -22.04 7.47 33.33
N THR E 63 -21.08 8.26 33.80
CA THR E 63 -19.67 7.83 33.78
C THR E 63 -19.02 7.62 35.13
N MET E 64 -19.55 8.28 36.17
CA MET E 64 -18.94 8.26 37.49
C MET E 64 -19.81 7.60 38.56
N ARG E 65 -20.06 6.32 38.35
CA ARG E 65 -21.00 5.57 39.17
C ARG E 65 -20.31 4.77 40.28
N PHE E 66 -20.76 4.97 41.52
CA PHE E 66 -20.23 4.27 42.67
C PHE E 66 -21.37 3.65 43.46
N ARG E 67 -21.05 2.62 44.24
CA ARG E 67 -21.99 1.96 45.15
C ARG E 67 -22.50 2.97 46.17
N ASP E 68 -23.77 2.85 46.54
CA ASP E 68 -24.43 3.85 47.39
C ASP E 68 -23.79 3.98 48.77
N ASN E 69 -23.84 5.19 49.32
CA ASN E 69 -23.37 5.49 50.70
C ASN E 69 -21.90 5.17 50.90
N THR E 70 -21.23 5.02 49.78
CA THR E 70 -19.82 4.87 49.70
C THR E 70 -19.27 6.31 49.64
N PRO E 71 -18.05 6.56 50.17
CA PRO E 71 -17.49 7.92 50.13
C PRO E 71 -17.46 8.56 48.73
N ASN E 72 -17.06 7.80 47.72
CA ASN E 72 -17.04 8.35 46.36
C ASN E 72 -18.45 8.61 45.79
N ALA E 73 -19.41 7.77 46.17
CA ALA E 73 -20.81 7.97 45.78
C ALA E 73 -21.36 9.25 46.40
N ILE E 74 -21.04 9.46 47.68
CA ILE E 74 -21.44 10.65 48.42
C ILE E 74 -20.80 11.91 47.79
N ALA E 75 -19.51 11.83 47.48
CA ALA E 75 -18.84 12.91 46.77
C ALA E 75 -19.56 13.29 45.45
N ILE E 76 -20.01 12.29 44.68
CA ILE E 76 -20.76 12.56 43.45
C ILE E 76 -22.12 13.22 43.77
N VAL E 77 -22.83 12.72 44.78
CA VAL E 77 -24.05 13.36 45.26
C VAL E 77 -23.85 14.85 45.59
N GLN E 78 -22.73 15.18 46.22
CA GLN E 78 -22.42 16.56 46.59
C GLN E 78 -21.95 17.39 45.40
N LEU E 79 -21.36 16.75 44.40
CA LEU E 79 -20.95 17.46 43.20
C LEU E 79 -22.21 17.73 42.34
N GLN E 80 -23.19 16.83 42.40
CA GLN E 80 -24.48 17.00 41.72
C GLN E 80 -25.25 18.18 42.30
N GLU E 81 -25.40 18.19 43.62
CA GLU E 81 -26.00 19.32 44.33
C GLU E 81 -25.30 20.64 44.07
N LEU E 82 -23.96 20.63 44.08
CA LEU E 82 -23.21 21.84 43.73
C LEU E 82 -23.58 22.38 42.35
N SER E 83 -23.75 21.47 41.40
CA SER E 83 -24.06 21.84 40.01
C SER E 83 -25.46 22.49 39.89
N LEU E 84 -26.39 22.09 40.75
CA LEU E 84 -27.69 22.78 40.80
C LEU E 84 -27.50 24.21 41.29
N ARG E 85 -26.63 24.39 42.28
CA ARG E 85 -26.43 25.71 42.89
C ARG E 85 -25.77 26.64 41.88
N LEU E 86 -24.78 26.11 41.19
CA LEU E 86 -24.04 26.85 40.16
C LEU E 86 -24.86 27.15 38.92
N LYS E 87 -25.99 26.48 38.76
CA LYS E 87 -26.88 26.85 37.63
C LYS E 87 -26.94 28.35 37.47
N SER E 88 -27.20 29.06 38.56
CA SER E 88 -27.46 30.53 38.56
C SER E 88 -26.31 31.31 37.93
N CYS E 89 -25.15 30.71 37.93
CA CYS E 89 -23.95 31.45 37.62
C CYS E 89 -23.66 31.46 36.11
N PHE E 90 -24.20 30.49 35.39
CA PHE E 90 -24.08 30.47 33.94
C PHE E 90 -25.38 30.98 33.25
N THR E 91 -25.24 32.03 32.44
CA THR E 91 -26.34 32.51 31.58
C THR E 91 -26.39 31.63 30.34
N LYS E 92 -27.60 31.34 29.87
CA LYS E 92 -27.75 30.45 28.71
C LYS E 92 -27.40 31.13 27.39
N ASP E 93 -26.76 30.35 26.53
CA ASP E 93 -26.41 30.75 25.17
C ASP E 93 -27.36 30.03 24.23
N TYR E 94 -27.40 30.46 22.97
CA TYR E 94 -28.32 29.89 21.99
C TYR E 94 -28.39 28.37 22.04
N GLU E 95 -29.61 27.83 21.93
CA GLU E 95 -29.84 26.38 21.91
C GLU E 95 -29.25 25.71 20.66
N GLU E 96 -29.15 26.48 19.59
CA GLU E 96 -28.49 26.07 18.35
C GLU E 96 -27.06 25.57 18.60
N HIS E 97 -26.53 25.87 19.79
CA HIS E 97 -25.16 25.52 20.16
C HIS E 97 -25.06 24.47 21.25
N ASP E 98 -26.09 23.64 21.38
CA ASP E 98 -26.12 22.58 22.41
C ASP E 98 -25.22 21.38 22.11
N LYS E 99 -25.10 21.03 20.83
CA LYS E 99 -24.31 19.87 20.43
C LYS E 99 -22.97 20.25 19.81
N ALA E 100 -22.71 21.55 19.73
CA ALA E 100 -21.47 22.10 19.17
C ALA E 100 -20.29 21.94 20.14
N CYS E 101 -19.07 21.94 19.59
CA CYS E 101 -17.81 21.90 20.35
C CYS E 101 -17.59 20.62 21.14
N VAL E 102 -18.33 19.57 20.80
CA VAL E 102 -18.29 18.31 21.55
C VAL E 102 -17.57 17.19 20.76
N ARG E 103 -17.03 16.22 21.48
CA ARG E 103 -16.05 15.29 20.95
C ARG E 103 -16.10 14.03 21.78
N THR E 104 -15.93 12.86 21.17
CA THR E 104 -15.79 11.66 22.00
C THR E 104 -14.32 11.37 22.28
N PHE E 105 -14.08 10.84 23.47
CA PHE E 105 -12.75 10.47 23.87
C PHE E 105 -12.77 9.00 24.20
N TYR E 106 -11.71 8.32 23.80
CA TYR E 106 -11.53 6.94 24.16
C TYR E 106 -10.35 6.90 25.12
N GLU E 107 -10.66 7.02 26.40
CA GLU E 107 -9.63 7.21 27.39
C GLU E 107 -9.84 6.40 28.66
N THR E 108 -8.81 6.45 29.49
CA THR E 108 -8.79 5.86 30.80
C THR E 108 -9.79 6.54 31.76
N PRO E 109 -10.42 5.76 32.65
CA PRO E 109 -11.20 6.36 33.73
C PRO E 109 -10.44 7.44 34.52
N LEU E 110 -9.17 7.20 34.87
CA LEU E 110 -8.33 8.24 35.48
C LEU E 110 -8.26 9.51 34.64
N GLN E 111 -8.15 9.36 33.33
CA GLN E 111 -8.14 10.53 32.42
C GLN E 111 -9.49 11.26 32.36
N LEU E 112 -10.60 10.52 32.48
CA LEU E 112 -11.95 11.13 32.56
C LEU E 112 -12.03 11.99 33.81
N LEU E 113 -11.66 11.40 34.94
CA LEU E 113 -11.67 12.04 36.24
C LEU E 113 -10.87 13.33 36.25
N GLU E 114 -9.72 13.31 35.58
CA GLU E 114 -8.86 14.46 35.51
C GLU E 114 -9.48 15.61 34.72
N LYS E 115 -10.16 15.27 33.62
CA LYS E 115 -10.88 16.29 32.84
C LYS E 115 -11.90 16.98 33.74
N VAL E 116 -12.72 16.19 34.43
CA VAL E 116 -13.75 16.67 35.35
C VAL E 116 -13.19 17.52 36.49
N LYS E 117 -12.11 17.04 37.12
CA LYS E 117 -11.44 17.78 38.18
C LYS E 117 -11.00 19.14 37.67
N ASN E 118 -10.50 19.19 36.44
CA ASN E 118 -10.02 20.44 35.87
C ASN E 118 -11.17 21.47 35.64
N VAL E 119 -12.34 21.00 35.21
CA VAL E 119 -13.48 21.93 34.98
C VAL E 119 -13.78 22.65 36.29
N PHE E 120 -14.06 21.87 37.33
CA PHE E 120 -14.35 22.40 38.66
C PHE E 120 -13.26 23.32 39.16
N ASN E 121 -12.04 22.87 39.08
CA ASN E 121 -10.92 23.64 39.54
C ASN E 121 -10.83 24.98 38.84
N GLU E 122 -10.88 25.08 37.45
CA GLU E 122 -10.75 26.31 36.69
C GLU E 122 -12.01 27.16 36.88
N THR E 123 -13.14 26.49 37.04
CA THR E 123 -14.44 27.20 37.26
C THR E 123 -14.35 27.89 38.63
N LYS E 124 -13.72 27.22 39.61
CA LYS E 124 -13.55 27.83 40.94
C LYS E 124 -12.71 29.08 40.86
N ASN E 125 -11.55 28.93 40.23
CA ASN E 125 -10.56 29.99 40.08
C ASN E 125 -11.06 31.21 39.32
N LEU E 126 -11.65 30.97 38.15
CA LEU E 126 -12.29 32.06 37.41
C LEU E 126 -13.30 32.77 38.29
N LEU E 127 -14.13 32.00 38.98
CA LEU E 127 -15.22 32.56 39.78
C LEU E 127 -14.68 33.31 41.02
N ASP E 128 -13.50 32.90 41.51
CA ASP E 128 -12.86 33.61 42.60
C ASP E 128 -12.42 35.00 42.16
N LYS E 129 -12.06 35.16 40.90
CA LYS E 129 -11.67 36.47 40.39
C LYS E 129 -12.89 37.36 40.10
N ASP E 130 -13.94 36.77 39.52
CA ASP E 130 -15.09 37.54 39.02
C ASP E 130 -16.35 36.68 39.14
N TRP E 131 -17.15 36.92 40.17
CA TRP E 131 -18.46 36.24 40.27
C TRP E 131 -19.35 36.29 39.06
N ASN E 132 -19.03 37.15 38.09
CA ASN E 132 -19.97 37.37 36.95
C ASN E 132 -19.42 36.84 35.63
N ILE E 133 -18.25 36.18 35.73
CA ILE E 133 -17.45 35.84 34.57
C ILE E 133 -18.23 34.99 33.56
N PHE E 134 -19.01 34.04 34.06
CA PHE E 134 -19.73 33.11 33.21
C PHE E 134 -21.07 33.69 32.73
N SER E 135 -21.20 35.01 32.80
CA SER E 135 -22.35 35.68 32.14
C SER E 135 -21.87 36.13 30.76
N LYS E 136 -20.64 35.75 30.41
CA LYS E 136 -20.09 36.00 29.08
C LYS E 136 -20.99 35.43 28.00
N ASN E 137 -21.09 36.15 26.89
CA ASN E 137 -21.84 35.69 25.74
C ASN E 137 -20.92 34.90 24.83
N CYS E 138 -21.16 33.59 24.80
CA CYS E 138 -20.27 32.63 24.16
C CYS E 138 -20.81 32.13 22.81
N ASN E 139 -21.84 32.79 22.28
CA ASN E 139 -22.46 32.40 21.00
C ASN E 139 -21.50 32.38 19.81
N ASN E 140 -20.57 33.34 19.77
CA ASN E 140 -19.56 33.40 18.72
C ASN E 140 -18.50 32.30 18.79
N SER E 141 -17.98 32.06 19.99
CA SER E 141 -16.96 31.03 20.20
C SER E 141 -17.53 29.67 19.83
N PHE E 142 -18.78 29.46 20.21
CA PHE E 142 -19.47 28.21 19.90
C PHE E 142 -19.61 28.05 18.40
N ALA E 143 -19.97 29.14 17.71
CA ALA E 143 -20.15 29.14 16.25
C ALA E 143 -18.87 28.80 15.51
N GLU E 144 -17.72 29.17 16.08
CA GLU E 144 -16.42 28.81 15.52
C GLU E 144 -16.06 27.33 15.63
N CYS E 145 -16.83 26.58 16.42
CA CYS E 145 -16.82 25.11 16.33
C CYS E 145 -17.74 24.73 15.16
N SER E 146 -17.33 23.83 14.27
CA SER E 146 -16.06 23.11 14.32
C SER E 146 -14.83 23.99 14.08
N ASP F 1 7.23 -25.46 61.85
CA ASP F 1 7.68 -24.07 61.53
C ASP F 1 6.59 -22.97 61.59
N PRO F 2 5.29 -23.32 61.43
CA PRO F 2 4.27 -22.34 61.87
C PRO F 2 4.16 -22.27 63.39
N SER F 3 3.92 -21.08 63.93
CA SER F 3 3.70 -20.97 65.38
C SER F 3 2.46 -20.13 65.70
N GLU F 4 2.18 -19.94 66.99
CA GLU F 4 0.95 -19.30 67.47
C GLU F 4 0.63 -17.90 66.91
N TYR F 5 1.66 -17.12 66.56
CA TYR F 5 1.42 -15.78 66.05
C TYR F 5 0.76 -15.76 64.67
N CYS F 6 0.70 -16.92 64.02
CA CYS F 6 0.00 -17.05 62.74
C CYS F 6 -1.50 -16.74 62.88
N SER F 7 -2.03 -16.88 64.10
CA SER F 7 -3.41 -16.54 64.41
C SER F 7 -3.62 -15.02 64.54
N HIS F 8 -2.51 -14.27 64.57
CA HIS F 8 -2.56 -12.85 64.95
C HIS F 8 -1.77 -11.96 64.02
N MET F 9 -1.87 -12.24 62.72
CA MET F 9 -1.23 -11.41 61.70
C MET F 9 -2.29 -10.63 60.93
N ILE F 10 -3.18 -11.35 60.26
CA ILE F 10 -4.25 -10.73 59.47
C ILE F 10 -5.29 -10.12 60.41
N GLY F 11 -5.31 -8.80 60.46
CA GLY F 11 -6.25 -8.12 61.33
C GLY F 11 -7.43 -7.56 60.57
N SER F 12 -8.41 -7.05 61.30
CA SER F 12 -9.59 -6.39 60.72
C SER F 12 -9.20 -5.13 59.97
N GLY F 13 -8.04 -4.56 60.31
CA GLY F 13 -7.50 -3.41 59.62
C GLY F 13 -7.23 -3.72 58.17
N HIS F 14 -6.52 -4.83 57.93
CA HIS F 14 -6.27 -5.33 56.59
C HIS F 14 -7.55 -5.56 55.81
N LEU F 15 -8.55 -6.16 56.46
CA LEU F 15 -9.82 -6.43 55.78
C LEU F 15 -10.58 -5.16 55.45
N GLN F 16 -10.71 -4.25 56.42
CA GLN F 16 -11.38 -2.96 56.17
C GLN F 16 -10.77 -2.24 54.99
N SER F 17 -9.44 -2.35 54.87
CA SER F 17 -8.70 -1.69 53.80
C SER F 17 -9.04 -2.34 52.46
N LEU F 18 -9.15 -3.67 52.45
CA LEU F 18 -9.60 -4.40 51.25
C LEU F 18 -11.00 -3.91 50.84
N GLN F 19 -11.93 -3.79 51.79
CA GLN F 19 -13.24 -3.25 51.47
C GLN F 19 -13.13 -1.85 50.85
N ARG F 20 -12.20 -1.04 51.36
CA ARG F 20 -11.98 0.32 50.84
C ARG F 20 -11.66 0.34 49.35
N LEU F 21 -10.74 -0.52 48.92
CA LEU F 21 -10.40 -0.67 47.50
C LEU F 21 -11.66 -0.91 46.67
N ILE F 22 -12.44 -1.90 47.08
CA ILE F 22 -13.66 -2.27 46.43
C ILE F 22 -14.59 -1.06 46.38
N ASP F 23 -14.88 -0.48 47.54
CA ASP F 23 -15.82 0.63 47.66
C ASP F 23 -15.43 1.88 46.85
N SER F 24 -14.14 2.04 46.58
CA SER F 24 -13.68 3.24 45.89
C SER F 24 -13.64 3.17 44.36
N GLN F 25 -13.65 1.95 43.81
CA GLN F 25 -13.59 1.76 42.35
C GLN F 25 -14.86 2.21 41.62
N MET F 26 -14.66 2.99 40.56
CA MET F 26 -15.69 3.34 39.58
C MET F 26 -16.26 2.11 38.89
N GLU F 27 -17.58 2.01 38.77
CA GLU F 27 -18.19 0.91 38.03
C GLU F 27 -18.01 1.10 36.52
N THR F 28 -17.35 0.13 35.87
CA THR F 28 -17.22 0.11 34.41
C THR F 28 -17.50 -1.31 33.88
N SER F 29 -17.77 -1.43 32.59
CA SER F 29 -18.00 -2.72 31.94
C SER F 29 -16.68 -3.28 31.44
N CYS F 30 -15.63 -2.90 32.13
CA CYS F 30 -14.29 -3.13 31.67
C CYS F 30 -13.61 -4.34 32.30
N GLN F 31 -12.84 -5.07 31.50
CA GLN F 31 -12.27 -6.35 31.91
C GLN F 31 -10.77 -6.43 31.76
N ILE F 32 -10.14 -7.13 32.70
CA ILE F 32 -8.71 -7.40 32.62
C ILE F 32 -8.55 -8.91 32.77
N THR F 33 -7.43 -9.47 32.30
CA THR F 33 -7.21 -10.86 32.67
C THR F 33 -6.13 -11.02 33.73
N PHE F 34 -6.36 -11.98 34.61
CA PHE F 34 -5.47 -12.32 35.70
C PHE F 34 -5.59 -13.80 35.96
N GLU F 35 -4.55 -14.36 36.58
CA GLU F 35 -4.57 -15.72 37.06
C GLU F 35 -5.31 -15.76 38.39
N PHE F 36 -5.90 -16.91 38.68
CA PHE F 36 -6.43 -17.19 40.00
C PHE F 36 -6.64 -18.70 40.05
N VAL F 37 -6.66 -19.26 41.26
CA VAL F 37 -6.98 -20.68 41.41
C VAL F 37 -8.47 -20.89 41.23
N ASP F 38 -8.87 -21.84 40.39
CA ASP F 38 -10.31 -22.09 40.26
C ASP F 38 -10.88 -23.13 41.22
N GLN F 39 -11.99 -22.74 41.82
CA GLN F 39 -12.71 -23.47 42.85
C GLN F 39 -13.32 -24.76 42.33
N GLU F 40 -13.43 -24.86 41.00
CA GLU F 40 -13.97 -26.06 40.37
C GLU F 40 -12.95 -27.21 40.35
N GLN F 41 -11.67 -26.87 40.37
CA GLN F 41 -10.59 -27.86 40.38
C GLN F 41 -10.08 -28.16 41.79
N LEU F 42 -10.15 -27.16 42.68
CA LEU F 42 -9.64 -27.30 44.04
C LEU F 42 -10.79 -27.07 45.00
N LYS F 43 -11.40 -28.17 45.43
CA LYS F 43 -12.64 -28.10 46.20
C LYS F 43 -12.40 -28.17 47.70
N ASP F 44 -11.36 -28.89 48.10
CA ASP F 44 -10.97 -28.95 49.50
C ASP F 44 -10.75 -27.54 50.05
N PRO F 45 -11.53 -27.16 51.08
CA PRO F 45 -11.57 -25.79 51.62
C PRO F 45 -10.21 -25.25 52.10
N VAL F 46 -9.45 -26.06 52.85
CA VAL F 46 -8.14 -25.63 53.36
C VAL F 46 -7.16 -25.43 52.20
N CYS F 47 -6.94 -26.47 51.42
CA CYS F 47 -5.97 -26.41 50.34
C CYS F 47 -6.31 -25.34 49.28
N TYR F 48 -7.60 -25.15 48.99
CA TYR F 48 -8.00 -24.08 48.07
C TYR F 48 -7.49 -22.74 48.57
N LEU F 49 -7.78 -22.44 49.83
CA LEU F 49 -7.35 -21.21 50.49
C LEU F 49 -5.84 -21.10 50.65
N LYS F 50 -5.16 -22.21 50.93
CA LYS F 50 -3.70 -22.21 51.08
C LYS F 50 -3.08 -21.75 49.77
N LYS F 51 -3.34 -22.50 48.71
CA LYS F 51 -2.91 -22.15 47.36
C LYS F 51 -3.39 -20.74 46.95
N ALA F 52 -4.70 -20.50 47.08
CA ALA F 52 -5.27 -19.20 46.71
C ALA F 52 -4.50 -18.06 47.37
N PHE F 53 -4.35 -18.13 48.69
CA PHE F 53 -3.73 -17.03 49.41
C PHE F 53 -2.31 -16.74 48.91
N LEU F 54 -1.50 -17.79 48.70
CA LEU F 54 -0.14 -17.60 48.24
C LEU F 54 -0.12 -16.97 46.84
N LEU F 55 -1.07 -17.37 46.01
CA LEU F 55 -1.19 -16.86 44.63
C LEU F 55 -1.54 -15.38 44.64
N VAL F 56 -2.47 -15.00 45.53
CA VAL F 56 -2.89 -13.59 45.66
C VAL F 56 -1.72 -12.67 46.01
N GLN F 57 -0.78 -13.17 46.82
CA GLN F 57 0.39 -12.39 47.16
C GLN F 57 1.31 -12.19 45.97
N ASP F 58 1.59 -13.24 45.21
CA ASP F 58 2.55 -13.02 44.14
C ASP F 58 1.92 -12.50 42.84
N ILE F 59 0.64 -12.12 42.93
CA ILE F 59 -0.11 -11.54 41.83
C ILE F 59 -0.48 -10.07 42.13
N MET F 60 -0.36 -9.74 43.42
CA MET F 60 -0.70 -8.44 43.96
C MET F 60 0.02 -7.27 43.28
N GLU F 61 1.34 -7.38 43.17
CA GLU F 61 2.14 -6.32 42.60
C GLU F 61 1.78 -6.00 41.14
N ASP F 62 1.39 -7.02 40.37
CA ASP F 62 1.04 -6.83 38.96
C ASP F 62 -0.42 -6.42 38.73
N THR F 63 -1.32 -6.76 39.65
CA THR F 63 -2.75 -6.57 39.42
C THR F 63 -3.42 -5.48 40.24
N MET F 64 -2.74 -5.07 41.32
CA MET F 64 -3.30 -4.12 42.27
C MET F 64 -2.43 -2.86 42.47
N ARG F 65 -2.36 -2.05 41.42
CA ARG F 65 -1.50 -0.88 41.37
C ARG F 65 -2.24 0.45 41.56
N PHE F 66 -1.76 1.25 42.51
CA PHE F 66 -2.24 2.60 42.81
C PHE F 66 -1.06 3.56 42.87
N ARG F 67 -1.28 4.87 42.70
CA ARG F 67 -0.20 5.86 42.82
C ARG F 67 0.42 5.83 44.21
N ASP F 68 1.72 6.07 44.27
CA ASP F 68 2.48 6.00 45.53
C ASP F 68 1.96 7.01 46.54
N ASN F 69 1.93 6.61 47.81
CA ASN F 69 1.53 7.49 48.93
C ASN F 69 0.03 7.81 49.05
N THR F 70 -0.72 7.26 48.11
CA THR F 70 -2.17 7.21 48.16
C THR F 70 -2.63 6.19 49.22
N PRO F 71 -3.79 6.43 49.87
CA PRO F 71 -4.33 5.47 50.84
C PRO F 71 -4.40 4.01 50.37
N ASN F 72 -4.82 3.77 49.13
CA ASN F 72 -4.87 2.40 48.62
C ASN F 72 -3.48 1.81 48.30
N ALA F 73 -2.55 2.65 47.85
CA ALA F 73 -1.16 2.23 47.67
C ALA F 73 -0.58 1.79 49.01
N ILE F 74 -0.83 2.59 50.04
CA ILE F 74 -0.37 2.29 51.39
C ILE F 74 -1.03 1.00 51.89
N ALA F 75 -2.31 0.83 51.60
CA ALA F 75 -3.00 -0.41 51.95
C ALA F 75 -2.31 -1.63 51.32
N ILE F 76 -1.94 -1.52 50.04
CA ILE F 76 -1.30 -2.61 49.32
C ILE F 76 0.12 -2.90 49.89
N VAL F 77 0.89 -1.84 50.16
CA VAL F 77 2.19 -1.95 50.84
C VAL F 77 2.05 -2.72 52.15
N GLN F 78 0.99 -2.45 52.90
CA GLN F 78 0.79 -3.17 54.17
C GLN F 78 0.42 -4.64 54.00
N LEU F 79 -0.43 -4.96 53.01
CA LEU F 79 -0.75 -6.36 52.67
C LEU F 79 0.50 -7.15 52.29
N GLN F 80 1.39 -6.49 51.56
CA GLN F 80 2.61 -7.12 51.09
C GLN F 80 3.56 -7.41 52.24
N GLU F 81 3.76 -6.41 53.09
CA GLU F 81 4.51 -6.54 54.32
C GLU F 81 3.97 -7.72 55.13
N LEU F 82 2.65 -7.76 55.25
CA LEU F 82 1.96 -8.84 55.95
C LEU F 82 2.24 -10.21 55.34
N SER F 83 2.39 -10.25 54.02
CA SER F 83 2.68 -11.49 53.33
C SER F 83 4.01 -12.05 53.82
N LEU F 84 5.05 -11.20 53.86
CA LEU F 84 6.38 -11.63 54.33
C LEU F 84 6.31 -12.19 55.74
N ARG F 85 5.49 -11.58 56.60
CA ARG F 85 5.40 -12.03 57.99
C ARG F 85 4.68 -13.37 58.14
N LEU F 86 3.76 -13.64 57.21
CA LEU F 86 3.06 -14.92 57.12
C LEU F 86 3.91 -16.08 56.56
N LYS F 87 5.08 -15.75 56.01
CA LYS F 87 6.00 -16.74 55.43
C LYS F 87 5.97 -18.13 56.09
N SER F 88 6.30 -18.21 57.37
CA SER F 88 6.43 -19.51 58.02
C SER F 88 5.09 -20.14 58.42
N CYS F 89 4.00 -19.48 58.06
CA CYS F 89 2.67 -19.99 58.39
C CYS F 89 2.19 -21.04 57.39
N PHE F 90 2.70 -20.96 56.16
CA PHE F 90 2.36 -21.90 55.11
C PHE F 90 3.58 -22.78 54.86
N THR F 91 3.47 -24.09 55.08
CA THR F 91 4.58 -24.98 54.73
C THR F 91 4.50 -25.30 53.25
N LYS F 92 5.64 -25.42 52.60
CA LYS F 92 5.68 -25.63 51.15
C LYS F 92 5.26 -27.04 50.74
N ASP F 93 4.60 -27.13 49.58
CA ASP F 93 4.26 -28.39 48.95
C ASP F 93 5.24 -28.69 47.80
N TYR F 94 4.99 -29.76 47.05
CA TYR F 94 5.86 -30.14 45.94
C TYR F 94 5.87 -29.08 44.84
N GLU F 95 7.08 -28.69 44.43
CA GLU F 95 7.26 -27.64 43.42
C GLU F 95 6.70 -28.00 42.06
N GLU F 96 6.43 -29.28 41.82
CA GLU F 96 5.78 -29.72 40.59
C GLU F 96 4.34 -29.19 40.50
N HIS F 97 3.75 -28.85 41.65
CA HIS F 97 2.37 -28.32 41.70
C HIS F 97 2.28 -26.82 41.68
N ASP F 98 3.37 -26.14 41.33
CA ASP F 98 3.40 -24.67 41.28
C ASP F 98 2.35 -24.08 40.34
N LYS F 99 2.28 -24.62 39.13
CA LYS F 99 1.34 -24.14 38.12
C LYS F 99 -0.01 -24.84 38.20
N ALA F 100 -0.17 -25.74 39.16
CA ALA F 100 -1.37 -26.57 39.28
C ALA F 100 -2.58 -25.80 39.83
N CYS F 101 -3.78 -26.22 39.39
CA CYS F 101 -5.06 -25.67 39.86
C CYS F 101 -5.30 -24.21 39.49
N VAL F 102 -4.34 -23.60 38.79
CA VAL F 102 -4.41 -22.20 38.39
C VAL F 102 -5.11 -22.08 37.06
N ARG F 103 -5.73 -20.93 36.81
CA ARG F 103 -6.55 -20.68 35.63
C ARG F 103 -6.59 -19.17 35.42
N THR F 104 -6.87 -18.71 34.19
CA THR F 104 -7.04 -17.27 33.96
C THR F 104 -8.51 -16.88 34.00
N PHE F 105 -8.78 -15.64 34.36
CA PHE F 105 -10.12 -15.09 34.39
C PHE F 105 -10.08 -13.77 33.64
N TYR F 106 -11.12 -13.53 32.85
CA TYR F 106 -11.24 -12.31 32.10
C TYR F 106 -12.44 -11.58 32.68
N GLU F 107 -12.16 -10.76 33.67
CA GLU F 107 -13.16 -10.19 34.54
C GLU F 107 -12.86 -8.75 34.85
N THR F 108 -13.77 -8.14 35.59
CA THR F 108 -13.70 -6.77 36.04
C THR F 108 -12.73 -6.59 37.20
N PRO F 109 -12.06 -5.42 37.28
CA PRO F 109 -11.24 -5.08 38.45
C PRO F 109 -11.97 -5.22 39.77
N LEU F 110 -13.25 -4.81 39.81
CA LEU F 110 -14.10 -5.02 40.97
C LEU F 110 -14.27 -6.50 41.30
N GLN F 111 -14.35 -7.32 40.26
CA GLN F 111 -14.50 -8.76 40.44
C GLN F 111 -13.21 -9.41 40.90
N LEU F 112 -12.08 -8.92 40.42
CA LEU F 112 -10.77 -9.33 40.94
C LEU F 112 -10.70 -9.01 42.44
N LEU F 113 -11.13 -7.80 42.78
CA LEU F 113 -11.06 -7.28 44.13
C LEU F 113 -11.96 -8.07 45.07
N GLU F 114 -13.15 -8.43 44.62
CA GLU F 114 -14.04 -9.30 45.40
C GLU F 114 -13.36 -10.62 45.73
N LYS F 115 -12.75 -11.24 44.72
CA LYS F 115 -12.08 -12.51 44.92
C LYS F 115 -10.97 -12.39 45.97
N VAL F 116 -10.12 -11.39 45.84
CA VAL F 116 -9.00 -11.19 46.75
C VAL F 116 -9.49 -10.98 48.18
N LYS F 117 -10.50 -10.13 48.35
CA LYS F 117 -11.06 -9.88 49.67
C LYS F 117 -11.54 -11.18 50.32
N ASN F 118 -12.31 -11.98 49.58
CA ASN F 118 -12.80 -13.26 50.11
C ASN F 118 -11.69 -14.26 50.47
N VAL F 119 -10.65 -14.34 49.66
CA VAL F 119 -9.51 -15.19 50.03
C VAL F 119 -8.93 -14.72 51.35
N PHE F 120 -8.76 -13.40 51.47
CA PHE F 120 -8.27 -12.80 52.70
C PHE F 120 -9.17 -13.09 53.89
N ASN F 121 -10.48 -12.74 53.76
CA ASN F 121 -11.46 -12.92 54.81
C ASN F 121 -11.40 -14.34 55.33
N GLU F 122 -11.44 -15.38 54.38
CA GLU F 122 -11.50 -16.78 54.73
C GLU F 122 -10.18 -17.33 55.27
N THR F 123 -9.04 -16.84 54.76
CA THR F 123 -7.73 -17.24 55.28
C THR F 123 -7.54 -16.79 56.71
N LYS F 124 -8.07 -15.59 57.02
CA LYS F 124 -8.02 -15.06 58.37
C LYS F 124 -8.87 -15.89 59.32
N ASN F 125 -10.07 -16.25 58.90
CA ASN F 125 -10.94 -17.09 59.74
C ASN F 125 -10.31 -18.43 60.10
N LEU F 126 -9.72 -19.09 59.10
CA LEU F 126 -9.07 -20.37 59.34
C LEU F 126 -7.94 -20.21 60.35
N LEU F 127 -7.04 -19.27 60.11
CA LEU F 127 -5.92 -19.00 61.02
C LEU F 127 -6.32 -18.63 62.46
N ASP F 128 -7.44 -17.91 62.60
CA ASP F 128 -7.99 -17.55 63.91
C ASP F 128 -8.41 -18.80 64.69
N LYS F 129 -8.90 -19.83 64.01
CA LYS F 129 -9.27 -21.10 64.66
C LYS F 129 -8.06 -22.00 64.90
N ASP F 130 -7.11 -22.00 63.96
CA ASP F 130 -5.95 -22.89 64.02
C ASP F 130 -4.72 -22.27 63.36
N TRP F 131 -3.80 -21.78 64.19
CA TRP F 131 -2.56 -21.18 63.70
C TRP F 131 -1.72 -22.17 62.95
N ASN F 132 -2.10 -23.44 63.01
CA ASN F 132 -1.31 -24.49 62.38
C ASN F 132 -1.97 -25.09 61.13
N ILE F 133 -3.13 -24.54 60.75
CA ILE F 133 -3.94 -25.10 59.68
C ILE F 133 -3.17 -25.31 58.37
N PHE F 134 -2.31 -24.35 58.02
CA PHE F 134 -1.64 -24.39 56.72
C PHE F 134 -0.32 -25.16 56.72
N SER F 135 -0.12 -25.98 57.74
CA SER F 135 0.95 -26.96 57.72
C SER F 135 0.42 -28.22 57.02
N LYS F 136 -0.82 -28.16 56.54
CA LYS F 136 -1.44 -29.28 55.83
C LYS F 136 -0.69 -29.61 54.55
N ASN F 137 -0.39 -30.90 54.37
CA ASN F 137 0.22 -31.37 53.14
C ASN F 137 -0.86 -31.38 52.06
N CYS F 138 -0.72 -30.47 51.10
CA CYS F 138 -1.79 -30.26 50.12
C CYS F 138 -1.55 -30.97 48.78
N ASN F 139 -0.52 -31.80 48.74
CA ASN F 139 -0.09 -32.46 47.51
C ASN F 139 -1.15 -33.33 46.83
N ASN F 140 -1.90 -34.10 47.62
CA ASN F 140 -2.99 -34.91 47.08
C ASN F 140 -4.07 -34.07 46.40
N SER F 141 -4.43 -32.94 47.03
CA SER F 141 -5.43 -32.03 46.47
C SER F 141 -4.94 -31.41 45.18
N PHE F 142 -3.68 -30.98 45.15
CA PHE F 142 -3.10 -30.32 43.99
C PHE F 142 -2.97 -31.27 42.80
N ALA F 143 -2.65 -32.54 43.08
CA ALA F 143 -2.56 -33.57 42.05
C ALA F 143 -3.93 -33.87 41.41
N GLU F 144 -5.00 -33.74 42.19
CA GLU F 144 -6.36 -33.96 41.70
C GLU F 144 -6.75 -32.99 40.58
N CYS F 145 -6.13 -31.83 40.57
CA CYS F 145 -6.21 -30.92 39.44
C CYS F 145 -5.47 -31.56 38.24
N SER F 146 -6.04 -31.49 37.03
CA SER F 146 -7.24 -30.70 36.72
C SER F 146 -8.54 -31.52 36.61
N SER F 147 -9.09 -31.92 37.76
CA SER F 147 -10.41 -32.58 37.80
C SER F 147 -11.51 -31.62 38.27
#